data_1RXQ
#
_entry.id   1RXQ
#
_cell.length_a   46.370
_cell.length_b   50.420
_cell.length_c   89.410
_cell.angle_alpha   104.38
_cell.angle_beta   90.61
_cell.angle_gamma   112.05
#
_symmetry.space_group_name_H-M   'P 1'
#
loop_
_entity.id
_entity.type
_entity.pdbx_description
1 polymer yfiT
2 non-polymer 'NICKEL (II) ION'
3 non-polymer 'GLUTAMIC ACID'
4 non-polymer SERINE
5 non-polymer ALANINE
6 non-polymer THREONINE
7 non-polymer GLYCINE
8 water water
#
_entity_poly.entity_id   1
_entity_poly.type   'polypeptide(L)'
_entity_poly.pdbx_seq_one_letter_code
;(MSE)TSVNLSYPIGEYKPRESISKEQKDKWIQVLEEVPAKLKQAVEV(MSE)TDSQLDTPYRDGGWTVRQVVHHLADSH
(MSE)NSYIRFKLSLTEETPAIRPYDEKAWSELKDSKTADPSGSLALLQELHGRWTALLRTLTDQQFKRGFYHPDTKEII
TLENALGLYVWHSHHHIAHITELSRR(MSE)GWS
;
_entity_poly.pdbx_strand_id   A,B,C,D
#
loop_
_chem_comp.id
_chem_comp.type
_chem_comp.name
_chem_comp.formula
NI non-polymer 'NICKEL (II) ION' 'Ni 2'
#
# COMPACT_ATOMS: atom_id res chain seq x y z
N ASN A 5 -10.72 -19.96 -17.34
CA ASN A 5 -10.07 -20.53 -16.11
C ASN A 5 -10.18 -19.58 -14.92
N LEU A 6 -11.41 -19.21 -14.58
CA LEU A 6 -11.68 -18.33 -13.45
C LEU A 6 -11.42 -19.03 -12.12
N SER A 7 -11.75 -20.33 -12.06
CA SER A 7 -11.65 -21.10 -10.83
C SER A 7 -10.24 -21.64 -10.58
N TYR A 8 -9.49 -21.87 -11.66
CA TYR A 8 -8.15 -22.43 -11.59
C TYR A 8 -7.16 -21.65 -12.46
N PRO A 9 -6.76 -20.46 -12.01
CA PRO A 9 -5.81 -19.62 -12.75
C PRO A 9 -4.42 -20.23 -13.02
N ILE A 10 -3.93 -21.11 -12.17
CA ILE A 10 -2.60 -21.71 -12.37
C ILE A 10 -2.66 -23.24 -12.48
N GLY A 11 -3.82 -23.76 -12.86
CA GLY A 11 -4.04 -25.20 -12.96
C GLY A 11 -4.18 -25.89 -11.60
N GLU A 12 -3.85 -27.18 -11.56
CA GLU A 12 -3.96 -27.97 -10.32
C GLU A 12 -2.63 -28.64 -9.96
N TYR A 13 -2.47 -29.03 -8.69
CA TYR A 13 -1.20 -29.68 -8.26
C TYR A 13 -1.01 -31.08 -8.84
N LYS A 14 0.18 -31.32 -9.40
CA LYS A 14 0.54 -32.64 -9.94
C LYS A 14 1.53 -33.37 -9.02
N PRO A 15 1.08 -34.41 -8.32
CA PRO A 15 1.93 -35.21 -7.45
C PRO A 15 2.96 -36.06 -8.16
N ARG A 16 4.11 -36.27 -7.54
CA ARG A 16 5.12 -37.16 -8.08
C ARG A 16 5.74 -38.01 -6.98
N GLU A 17 6.41 -39.09 -7.37
CA GLU A 17 7.08 -39.98 -6.41
C GLU A 17 8.48 -39.45 -6.09
N SER A 18 9.01 -38.64 -7.00
CA SER A 18 10.41 -38.21 -6.92
C SER A 18 10.51 -36.71 -6.74
N ILE A 19 10.79 -36.30 -5.52
CA ILE A 19 10.97 -34.88 -5.21
C ILE A 19 12.35 -34.70 -4.61
N SER A 20 13.18 -33.88 -5.26
CA SER A 20 14.55 -33.68 -4.83
C SER A 20 14.67 -32.81 -3.59
N LYS A 21 15.83 -32.86 -2.95
CA LYS A 21 16.15 -32.00 -1.83
C LYS A 21 16.10 -30.52 -2.20
N GLU A 22 16.61 -30.18 -3.39
CA GLU A 22 16.56 -28.80 -3.85
C GLU A 22 15.11 -28.35 -4.05
N GLN A 23 14.26 -29.23 -4.55
CA GLN A 23 12.86 -28.87 -4.79
C GLN A 23 12.15 -28.67 -3.46
N LYS A 24 12.34 -29.59 -2.53
CA LYS A 24 11.75 -29.45 -1.20
C LYS A 24 12.22 -28.16 -0.52
N ASP A 25 13.53 -27.92 -0.50
CA ASP A 25 14.05 -26.68 0.09
C ASP A 25 13.47 -25.42 -0.57
N LYS A 26 13.27 -25.44 -1.89
CA LYS A 26 12.70 -24.28 -2.57
C LYS A 26 11.24 -24.06 -2.19
N TRP A 27 10.49 -25.15 -2.12
CA TRP A 27 9.07 -25.08 -1.74
C TRP A 27 8.93 -24.54 -0.31
N ILE A 28 9.83 -24.93 0.58
CA ILE A 28 9.82 -24.41 1.96
C ILE A 28 10.00 -22.90 1.95
N GLN A 29 10.93 -22.42 1.15
CA GLN A 29 11.19 -21.00 1.04
C GLN A 29 9.96 -20.28 0.45
N VAL A 30 9.35 -20.87 -0.56
CA VAL A 30 8.18 -20.30 -1.21
C VAL A 30 7.03 -20.24 -0.19
N LEU A 31 6.89 -21.31 0.59
CA LEU A 31 5.82 -21.37 1.60
C LEU A 31 5.99 -20.30 2.68
N GLU A 32 7.23 -20.05 3.07
CA GLU A 32 7.50 -19.05 4.10
C GLU A 32 7.12 -17.67 3.58
N GLU A 33 7.29 -17.45 2.27
CA GLU A 33 7.03 -16.16 1.63
C GLU A 33 5.55 -15.91 1.26
N VAL A 34 4.69 -16.93 1.35
CA VAL A 34 3.28 -16.83 0.92
C VAL A 34 2.53 -15.71 1.66
N PRO A 35 2.61 -15.61 2.99
CA PRO A 35 1.82 -14.60 3.68
C PRO A 35 2.16 -13.16 3.24
N ALA A 36 3.42 -12.89 2.98
CA ALA A 36 3.78 -11.56 2.50
C ALA A 36 3.19 -11.26 1.14
N LYS A 37 3.19 -12.27 0.28
CA LYS A 37 2.66 -12.12 -1.06
C LYS A 37 1.15 -11.91 -1.05
N LEU A 38 0.47 -12.64 -0.17
CA LEU A 38 -0.96 -12.47 0.06
C LEU A 38 -1.27 -11.07 0.60
N LYS A 39 -0.49 -10.64 1.59
CA LYS A 39 -0.67 -9.32 2.17
C LYS A 39 -0.51 -8.23 1.10
N GLN A 40 0.49 -8.38 0.24
CA GLN A 40 0.72 -7.41 -0.85
C GLN A 40 -0.53 -7.26 -1.70
N ALA A 41 -1.19 -8.37 -1.99
CA ALA A 41 -2.38 -8.37 -2.84
C ALA A 41 -3.61 -7.74 -2.17
N VAL A 42 -3.74 -7.92 -0.87
CA VAL A 42 -4.98 -7.63 -0.19
C VAL A 42 -4.97 -6.27 0.52
N GLU A 43 -3.80 -5.82 0.95
CA GLU A 43 -3.71 -4.59 1.77
C GLU A 43 -4.10 -3.33 1.00
N VAL A 44 -4.20 -3.42 -0.33
CA VAL A 44 -4.61 -2.28 -1.16
C VAL A 44 -6.13 -2.11 -1.23
N MSE A 45 -6.86 -3.06 -0.66
CA MSE A 45 -8.29 -3.10 -0.85
C MSE A 45 -9.09 -2.51 0.29
O MSE A 45 -8.84 -2.80 1.47
CB MSE A 45 -8.71 -4.54 -1.12
CG MSE A 45 -8.11 -5.09 -2.41
SE MSE A 45 -8.78 -6.91 -2.74
CE MSE A 45 -7.66 -7.43 -4.17
N THR A 46 -10.07 -1.69 -0.07
CA THR A 46 -11.10 -1.18 0.83
C THR A 46 -12.14 -2.26 1.09
N ASP A 47 -13.02 -2.03 2.06
CA ASP A 47 -14.05 -3.01 2.44
C ASP A 47 -14.91 -3.50 1.28
N SER A 48 -15.37 -2.59 0.44
CA SER A 48 -16.19 -3.01 -0.68
C SER A 48 -15.41 -3.84 -1.73
N GLN A 49 -14.12 -3.57 -1.86
CA GLN A 49 -13.26 -4.40 -2.72
C GLN A 49 -13.04 -5.79 -2.09
N LEU A 50 -12.80 -5.81 -0.78
CA LEU A 50 -12.65 -7.09 -0.06
C LEU A 50 -13.89 -7.95 -0.17
N ASP A 51 -15.06 -7.30 -0.28
CA ASP A 51 -16.33 -8.02 -0.31
C ASP A 51 -16.84 -8.27 -1.72
N THR A 52 -15.93 -8.13 -2.68
CA THR A 52 -16.20 -8.45 -4.07
C THR A 52 -15.81 -9.90 -4.35
N PRO A 53 -16.78 -10.67 -4.87
CA PRO A 53 -16.51 -12.04 -5.33
C PRO A 53 -15.36 -12.11 -6.32
N TYR A 54 -14.46 -13.09 -6.16
CA TYR A 54 -13.32 -13.17 -7.06
C TYR A 54 -13.72 -13.70 -8.43
N ARG A 55 -14.89 -14.34 -8.48
CA ARG A 55 -15.57 -14.72 -9.72
C ARG A 55 -17.06 -14.80 -9.45
N ASP A 56 -17.86 -14.84 -10.50
CA ASP A 56 -19.31 -14.94 -10.32
C ASP A 56 -19.66 -16.22 -9.56
N GLY A 57 -20.43 -16.07 -8.49
CA GLY A 57 -20.84 -17.20 -7.67
C GLY A 57 -19.86 -17.59 -6.56
N GLY A 58 -18.66 -17.01 -6.59
CA GLY A 58 -17.58 -17.46 -5.72
C GLY A 58 -17.38 -16.65 -4.45
N TRP A 59 -16.38 -17.04 -3.67
CA TRP A 59 -16.07 -16.36 -2.43
C TRP A 59 -15.56 -14.94 -2.68
N THR A 60 -15.76 -14.06 -1.71
CA THR A 60 -15.13 -12.75 -1.73
C THR A 60 -13.65 -12.88 -1.38
N VAL A 61 -12.87 -11.85 -1.68
CA VAL A 61 -11.47 -11.81 -1.28
C VAL A 61 -11.32 -12.00 0.22
N ARG A 62 -12.20 -11.38 0.99
CA ARG A 62 -12.14 -11.48 2.44
C ARG A 62 -12.27 -12.95 2.84
N GLN A 63 -13.27 -13.63 2.28
CA GLN A 63 -13.47 -15.05 2.53
C GLN A 63 -12.25 -15.88 2.16
N VAL A 64 -11.64 -15.57 1.01
CA VAL A 64 -10.44 -16.30 0.58
C VAL A 64 -9.30 -16.17 1.60
N VAL A 65 -9.09 -14.96 2.12
CA VAL A 65 -8.06 -14.73 3.11
C VAL A 65 -8.30 -15.59 4.35
N HIS A 66 -9.53 -15.56 4.88
CA HIS A 66 -9.84 -16.35 6.05
C HIS A 66 -9.78 -17.86 5.78
N HIS A 67 -10.11 -18.26 4.57
CA HIS A 67 -10.01 -19.63 4.16
C HIS A 67 -8.57 -20.11 4.14
N LEU A 68 -7.64 -19.29 3.65
CA LEU A 68 -6.24 -19.67 3.65
C LEU A 68 -5.77 -19.94 5.08
N ALA A 69 -6.16 -19.10 6.01
CA ALA A 69 -5.77 -19.31 7.41
C ALA A 69 -6.35 -20.62 7.97
N ASP A 70 -7.62 -20.85 7.74
CA ASP A 70 -8.28 -22.05 8.24
C ASP A 70 -7.73 -23.33 7.59
N SER A 71 -7.54 -23.29 6.28
CA SER A 71 -7.01 -24.44 5.54
C SER A 71 -5.61 -24.76 6.01
N HIS A 72 -4.78 -23.75 6.16
CA HIS A 72 -3.39 -24.00 6.47
C HIS A 72 -3.20 -24.40 7.94
N MSE A 73 -4.03 -23.91 8.85
CA MSE A 73 -4.03 -24.42 10.23
C MSE A 73 -4.39 -25.91 10.22
O MSE A 73 -3.70 -26.71 10.82
CB MSE A 73 -4.94 -23.62 11.13
CB MSE A 73 -5.05 -23.70 11.13
CG MSE A 73 -4.25 -22.37 11.68
CG MSE A 73 -4.83 -22.21 11.38
SE MSE A 73 -5.37 -21.57 13.03
SE MSE A 73 -6.10 -21.43 12.72
CE MSE A 73 -6.05 -23.11 13.68
CE MSE A 73 -6.95 -20.28 11.57
N ASN A 74 -5.40 -26.31 9.46
CA ASN A 74 -5.72 -27.73 9.31
C ASN A 74 -4.55 -28.53 8.74
N SER A 75 -3.89 -27.99 7.72
CA SER A 75 -2.73 -28.64 7.12
C SER A 75 -1.58 -28.85 8.09
N TYR A 76 -1.24 -27.83 8.84
CA TYR A 76 -0.17 -27.92 9.85
C TYR A 76 -0.46 -29.04 10.84
N ILE A 77 -1.69 -29.10 11.32
CA ILE A 77 -2.10 -30.19 12.19
C ILE A 77 -1.95 -31.57 11.53
N ARG A 78 -2.33 -31.66 10.26
CA ARG A 78 -2.23 -32.91 9.54
C ARG A 78 -0.76 -33.34 9.42
N PHE A 79 0.14 -32.39 9.23
CA PHE A 79 1.56 -32.70 9.23
C PHE A 79 2.00 -33.33 10.56
N LYS A 80 1.62 -32.73 11.69
CA LYS A 80 2.01 -33.24 12.99
C LYS A 80 1.34 -34.58 13.32
N LEU A 81 0.10 -34.78 12.88
CA LEU A 81 -0.53 -36.11 12.97
C LEU A 81 0.29 -37.14 12.21
N SER A 82 0.72 -36.80 11.00
CA SER A 82 1.45 -37.73 10.12
C SER A 82 2.81 -38.09 10.67
N LEU A 83 3.42 -37.16 11.38
CA LEU A 83 4.72 -37.38 11.98
C LEU A 83 4.66 -38.20 13.27
N THR A 84 3.48 -38.33 13.86
CA THR A 84 3.33 -38.95 15.18
C THR A 84 2.43 -40.19 15.21
N GLU A 85 1.83 -40.52 14.08
CA GLU A 85 0.93 -41.66 13.89
C GLU A 85 1.28 -42.31 12.55
N GLU A 86 0.97 -43.59 12.37
CA GLU A 86 1.32 -44.24 11.11
C GLU A 86 0.17 -44.11 10.12
N THR A 87 0.40 -43.31 9.09
CA THR A 87 -0.59 -43.02 8.06
C THR A 87 -1.98 -42.76 8.64
N PRO A 88 -2.11 -41.68 9.39
CA PRO A 88 -3.37 -41.37 10.06
C PRO A 88 -4.45 -41.03 9.05
N ALA A 89 -5.68 -41.39 9.39
CA ALA A 89 -6.85 -40.83 8.74
C ALA A 89 -6.98 -39.40 9.29
N ILE A 90 -7.07 -38.40 8.42
CA ILE A 90 -7.19 -37.03 8.91
C ILE A 90 -8.66 -36.64 9.04
N ARG A 91 -8.88 -35.45 9.60
CA ARG A 91 -10.22 -34.95 9.88
C ARG A 91 -10.62 -33.91 8.84
N PRO A 92 -11.52 -34.27 7.93
CA PRO A 92 -11.96 -33.29 6.95
C PRO A 92 -12.76 -32.19 7.62
N TYR A 93 -12.88 -31.05 6.94
CA TYR A 93 -13.77 -29.98 7.37
C TYR A 93 -14.57 -29.50 6.16
N ASP A 94 -15.73 -28.90 6.41
CA ASP A 94 -16.60 -28.41 5.33
C ASP A 94 -16.18 -26.99 5.00
N GLU A 95 -15.25 -26.82 4.06
CA GLU A 95 -14.70 -25.48 3.82
C GLU A 95 -15.76 -24.48 3.37
N LYS A 96 -16.77 -24.93 2.64
CA LYS A 96 -17.84 -24.01 2.28
C LYS A 96 -18.60 -23.49 3.51
N ALA A 97 -18.93 -24.39 4.43
CA ALA A 97 -19.65 -23.97 5.65
C ALA A 97 -18.76 -23.06 6.51
N TRP A 98 -17.47 -23.36 6.61
CA TRP A 98 -16.58 -22.49 7.39
C TRP A 98 -16.57 -21.07 6.81
N SER A 99 -16.59 -20.96 5.48
CA SER A 99 -16.52 -19.65 4.83
C SER A 99 -17.83 -18.87 4.96
N GLU A 100 -18.92 -19.54 5.30
CA GLU A 100 -20.18 -18.86 5.48
C GLU A 100 -20.46 -18.39 6.90
N LEU A 101 -19.56 -18.69 7.84
CA LEU A 101 -19.74 -18.17 9.18
C LEU A 101 -19.65 -16.66 9.12
N LYS A 102 -20.41 -15.96 9.98
CA LYS A 102 -20.41 -14.50 10.01
C LYS A 102 -19.00 -13.91 10.11
N ASP A 103 -18.18 -14.49 10.98
CA ASP A 103 -16.81 -14.03 11.12
C ASP A 103 -16.01 -14.08 9.80
N SER A 104 -16.16 -15.17 9.04
CA SER A 104 -15.45 -15.32 7.77
C SER A 104 -15.90 -14.27 6.75
N LYS A 105 -17.14 -13.84 6.85
CA LYS A 105 -17.68 -12.85 5.92
C LYS A 105 -17.43 -11.40 6.31
N THR A 106 -17.05 -11.14 7.57
CA THR A 106 -16.94 -9.77 8.08
C THR A 106 -15.61 -9.35 8.77
N ALA A 107 -14.83 -10.29 9.28
CA ALA A 107 -13.58 -9.97 9.97
C ALA A 107 -12.58 -9.29 9.02
N ASP A 108 -11.88 -8.29 9.55
CA ASP A 108 -10.81 -7.64 8.81
C ASP A 108 -9.74 -8.65 8.44
N PRO A 109 -9.18 -8.57 7.23
CA PRO A 109 -8.14 -9.53 6.87
C PRO A 109 -6.89 -9.46 7.76
N SER A 110 -6.61 -8.33 8.38
CA SER A 110 -5.35 -8.16 9.10
C SER A 110 -5.03 -9.29 10.09
N GLY A 111 -6.00 -9.73 10.90
CA GLY A 111 -5.75 -10.83 11.83
C GLY A 111 -5.34 -12.14 11.18
N SER A 112 -6.00 -12.48 10.08
CA SER A 112 -5.68 -13.70 9.34
C SER A 112 -4.36 -13.56 8.63
N LEU A 113 -4.07 -12.37 8.11
CA LEU A 113 -2.78 -12.19 7.47
C LEU A 113 -1.62 -12.35 8.47
N ALA A 114 -1.80 -11.83 9.68
CA ALA A 114 -0.80 -11.94 10.73
C ALA A 114 -0.68 -13.38 11.21
N LEU A 115 -1.81 -14.06 11.35
CA LEU A 115 -1.81 -15.46 11.75
C LEU A 115 -1.06 -16.30 10.73
N LEU A 116 -1.32 -16.07 9.45
CA LEU A 116 -0.68 -16.82 8.39
C LEU A 116 0.83 -16.64 8.38
N GLN A 117 1.28 -15.42 8.62
CA GLN A 117 2.71 -15.12 8.69
C GLN A 117 3.34 -15.96 9.78
N GLU A 118 2.76 -15.94 10.98
CA GLU A 118 3.33 -16.69 12.08
C GLU A 118 3.17 -18.20 11.88
N LEU A 119 2.05 -18.61 11.26
CA LEU A 119 1.78 -20.03 11.08
C LEU A 119 2.77 -20.60 10.06
N HIS A 120 2.96 -19.92 8.95
CA HIS A 120 3.92 -20.39 7.97
C HIS A 120 5.34 -20.35 8.52
N GLY A 121 5.62 -19.43 9.44
CA GLY A 121 6.89 -19.45 10.17
C GLY A 121 7.12 -20.77 10.91
N ARG A 122 6.17 -21.15 11.77
CA ARG A 122 6.28 -22.39 12.53
C ARG A 122 6.26 -23.64 11.64
N TRP A 123 5.43 -23.60 10.60
CA TRP A 123 5.29 -24.70 9.66
C TRP A 123 6.62 -24.92 8.94
N THR A 124 7.22 -23.88 8.42
CA THR A 124 8.47 -24.05 7.70
C THR A 124 9.60 -24.43 8.66
N ALA A 125 9.55 -23.99 9.91
CA ALA A 125 10.50 -24.45 10.91
C ALA A 125 10.36 -25.97 11.11
N LEU A 126 9.13 -26.45 11.22
CA LEU A 126 8.91 -27.88 11.38
C LEU A 126 9.51 -28.61 10.15
N LEU A 127 9.21 -28.07 8.98
CA LEU A 127 9.60 -28.73 7.74
C LEU A 127 11.12 -28.85 7.63
N ARG A 128 11.82 -27.83 8.10
CA ARG A 128 13.28 -27.84 8.05
C ARG A 128 13.92 -28.86 8.99
N THR A 129 13.16 -29.36 9.99
CA THR A 129 13.69 -30.38 10.89
C THR A 129 13.53 -31.80 10.34
N LEU A 130 12.72 -31.98 9.32
CA LEU A 130 12.35 -33.32 8.89
C LEU A 130 13.44 -34.04 8.09
N THR A 131 13.62 -35.32 8.38
CA THR A 131 14.51 -36.18 7.59
C THR A 131 13.81 -36.57 6.28
N ASP A 132 14.57 -37.15 5.35
CA ASP A 132 13.98 -37.65 4.12
C ASP A 132 12.89 -38.69 4.38
N GLN A 133 13.14 -39.57 5.36
CA GLN A 133 12.21 -40.62 5.73
C GLN A 133 10.92 -39.99 6.23
N GLN A 134 11.03 -38.98 7.08
CA GLN A 134 9.84 -38.31 7.60
C GLN A 134 9.03 -37.68 6.48
N PHE A 135 9.70 -37.16 5.45
CA PHE A 135 9.00 -36.57 4.31
C PHE A 135 8.25 -37.62 3.49
N LYS A 136 8.63 -38.90 3.63
CA LYS A 136 7.95 -40.00 2.95
C LYS A 136 6.76 -40.53 3.73
N ARG A 137 6.59 -40.11 4.98
CA ARG A 137 5.41 -40.47 5.72
C ARG A 137 4.21 -39.80 5.06
N GLY A 138 3.02 -40.35 5.28
CA GLY A 138 1.84 -39.78 4.66
C GLY A 138 0.64 -39.75 5.57
N PHE A 139 -0.49 -39.31 5.00
CA PHE A 139 -1.78 -39.39 5.64
C PHE A 139 -2.86 -39.71 4.62
N TYR A 140 -3.98 -40.19 5.15
CA TYR A 140 -5.08 -40.72 4.37
C TYR A 140 -6.24 -39.74 4.52
N HIS A 141 -6.80 -39.31 3.40
CA HIS A 141 -8.03 -38.52 3.39
C HIS A 141 -9.23 -39.47 3.32
N PRO A 142 -10.08 -39.48 4.35
CA PRO A 142 -11.21 -40.41 4.42
C PRO A 142 -12.20 -40.29 3.25
N ASP A 143 -12.49 -39.08 2.78
CA ASP A 143 -13.47 -38.90 1.71
C ASP A 143 -12.93 -39.38 0.38
N THR A 144 -11.76 -38.87 -0.01
CA THR A 144 -11.16 -39.17 -1.31
C THR A 144 -10.39 -40.48 -1.31
N LYS A 145 -10.21 -41.07 -0.13
CA LYS A 145 -9.51 -42.34 0.04
C LYS A 145 -8.02 -42.33 -0.37
N GLU A 146 -7.50 -41.17 -0.77
CA GLU A 146 -6.13 -41.11 -1.27
C GLU A 146 -5.13 -40.88 -0.14
N ILE A 147 -3.94 -41.46 -0.30
CA ILE A 147 -2.84 -41.25 0.62
C ILE A 147 -1.83 -40.28 0.00
N ILE A 148 -1.46 -39.25 0.74
CA ILE A 148 -0.49 -38.27 0.25
C ILE A 148 0.71 -38.24 1.17
N THR A 149 1.90 -38.22 0.59
CA THR A 149 3.14 -38.06 1.36
C THR A 149 3.33 -36.61 1.77
N LEU A 150 4.14 -36.39 2.80
CA LEU A 150 4.38 -35.03 3.28
C LEU A 150 5.11 -34.17 2.26
N GLU A 151 6.01 -34.77 1.47
CA GLU A 151 6.68 -34.00 0.43
C GLU A 151 5.69 -33.55 -0.64
N ASN A 152 4.72 -34.41 -1.01
CA ASN A 152 3.67 -33.99 -1.94
C ASN A 152 2.70 -33.00 -1.29
N ALA A 153 2.45 -33.15 0.01
CA ALA A 153 1.58 -32.21 0.69
C ALA A 153 2.23 -30.82 0.71
N LEU A 154 3.55 -30.77 0.88
CA LEU A 154 4.25 -29.49 0.78
C LEU A 154 4.03 -28.84 -0.60
N GLY A 155 4.22 -29.61 -1.66
CA GLY A 155 3.96 -29.14 -3.00
C GLY A 155 2.53 -28.69 -3.21
N LEU A 156 1.59 -29.47 -2.66
CA LEU A 156 0.17 -29.16 -2.74
C LEU A 156 -0.15 -27.83 -2.11
N TYR A 157 0.42 -27.54 -0.93
CA TYR A 157 0.07 -26.31 -0.26
C TYR A 157 0.80 -25.06 -0.79
N VAL A 158 1.94 -25.26 -1.44
CA VAL A 158 2.55 -24.20 -2.21
C VAL A 158 1.56 -23.85 -3.34
N TRP A 159 1.06 -24.88 -4.02
CA TRP A 159 0.05 -24.69 -5.06
C TRP A 159 -1.20 -23.99 -4.53
N HIS A 160 -1.74 -24.48 -3.41
CA HIS A 160 -2.97 -23.94 -2.83
C HIS A 160 -2.82 -22.46 -2.50
N SER A 161 -1.69 -22.12 -1.88
CA SER A 161 -1.37 -20.73 -1.61
C SER A 161 -1.45 -19.89 -2.86
N HIS A 162 -0.78 -20.31 -3.92
CA HIS A 162 -0.64 -19.43 -5.09
C HIS A 162 -1.88 -19.41 -5.98
N HIS A 163 -2.64 -20.50 -5.89
CA HIS A 163 -3.92 -20.65 -6.54
C HIS A 163 -4.87 -19.57 -6.01
N HIS A 164 -4.99 -19.47 -4.70
CA HIS A 164 -5.87 -18.48 -4.11
C HIS A 164 -5.31 -17.06 -4.25
N ILE A 165 -4.00 -16.90 -4.16
CA ILE A 165 -3.42 -15.56 -4.36
C ILE A 165 -3.72 -15.09 -5.78
N ALA A 166 -3.65 -16.00 -6.74
CA ALA A 166 -3.94 -15.65 -8.14
C ALA A 166 -5.42 -15.30 -8.37
N HIS A 167 -6.32 -15.91 -7.61
CA HIS A 167 -7.74 -15.49 -7.65
C HIS A 167 -7.88 -14.02 -7.32
N ILE A 168 -7.13 -13.59 -6.31
CA ILE A 168 -7.22 -12.24 -5.81
C ILE A 168 -6.56 -11.26 -6.77
N THR A 169 -5.35 -11.57 -7.25
CA THR A 169 -4.60 -10.60 -8.07
C THR A 169 -5.25 -10.46 -9.44
N GLU A 170 -5.85 -11.56 -9.89
CA GLU A 170 -6.58 -11.58 -11.17
C GLU A 170 -7.80 -10.66 -11.10
N LEU A 171 -8.52 -10.75 -9.98
CA LEU A 171 -9.65 -9.86 -9.75
C LEU A 171 -9.17 -8.40 -9.73
N SER A 172 -8.08 -8.15 -9.02
CA SER A 172 -7.55 -6.80 -8.83
C SER A 172 -7.15 -6.21 -10.19
N ARG A 173 -6.58 -7.05 -11.05
CA ARG A 173 -6.11 -6.60 -12.35
C ARG A 173 -7.30 -6.34 -13.27
N ARG A 174 -8.32 -7.20 -13.18
CA ARG A 174 -9.50 -7.10 -14.03
C ARG A 174 -10.31 -5.85 -13.70
N MSE A 175 -10.31 -5.45 -12.43
CA MSE A 175 -11.08 -4.30 -11.99
C MSE A 175 -10.31 -2.96 -12.02
O MSE A 175 -10.90 -1.92 -11.74
CB MSE A 175 -11.59 -4.52 -10.57
CG MSE A 175 -12.38 -5.80 -10.40
SE MSE A 175 -14.07 -5.71 -11.35
CE MSE A 175 -13.72 -6.99 -12.76
N GLY A 176 -9.00 -3.00 -12.29
CA GLY A 176 -8.20 -1.78 -12.36
C GLY A 176 -7.80 -1.26 -10.99
N TRP A 177 -7.88 -2.09 -9.97
CA TRP A 177 -7.41 -1.74 -8.64
C TRP A 177 -5.89 -1.88 -8.65
N SER A 178 -5.21 -1.54 -7.55
CA SER A 178 -3.74 -1.60 -7.57
C SER A 178 -3.26 -3.03 -7.41
N VAL B 4 -19.53 6.36 -6.88
CA VAL B 4 -19.50 4.96 -6.38
C VAL B 4 -19.05 4.01 -7.49
N ASN B 5 -19.43 4.31 -8.73
CA ASN B 5 -18.99 3.52 -9.89
C ASN B 5 -18.78 4.38 -11.12
N LEU B 6 -19.74 5.27 -11.44
CA LEU B 6 -19.55 6.23 -12.52
C LEU B 6 -18.47 7.26 -12.12
N SER B 7 -18.49 7.67 -10.85
CA SER B 7 -17.52 8.65 -10.35
C SER B 7 -16.22 7.98 -9.91
N TYR B 8 -16.31 6.72 -9.45
CA TYR B 8 -15.14 6.02 -8.94
C TYR B 8 -15.03 4.64 -9.57
N PRO B 9 -14.70 4.62 -10.86
CA PRO B 9 -14.69 3.38 -11.63
C PRO B 9 -13.68 2.34 -11.17
N ILE B 10 -12.58 2.76 -10.54
CA ILE B 10 -11.60 1.82 -10.02
C ILE B 10 -11.45 1.91 -8.49
N GLY B 11 -12.45 2.47 -7.82
CA GLY B 11 -12.41 2.65 -6.39
C GLY B 11 -11.51 3.80 -5.99
N GLU B 12 -11.14 3.86 -4.72
CA GLU B 12 -10.23 4.89 -4.22
C GLU B 12 -8.89 4.32 -3.79
N TYR B 13 -7.95 5.22 -3.59
CA TYR B 13 -6.65 4.86 -3.09
C TYR B 13 -6.76 4.57 -1.59
N LYS B 14 -6.19 3.46 -1.16
CA LYS B 14 -6.06 3.16 0.27
C LYS B 14 -4.61 3.32 0.71
N PRO B 15 -4.32 4.31 1.55
CA PRO B 15 -2.95 4.46 2.05
C PRO B 15 -2.53 3.27 2.90
N ARG B 16 -1.22 3.05 2.96
CA ARG B 16 -0.63 2.02 3.80
C ARG B 16 0.39 2.61 4.74
N GLU B 17 0.58 1.96 5.88
CA GLU B 17 1.61 2.36 6.84
C GLU B 17 2.98 2.25 6.20
N SER B 18 3.17 1.22 5.38
CA SER B 18 4.48 0.93 4.79
C SER B 18 4.43 0.54 3.31
N ILE B 19 5.34 1.09 2.52
CA ILE B 19 5.44 0.78 1.10
C ILE B 19 6.83 0.23 0.82
N SER B 20 6.91 -0.88 0.08
CA SER B 20 8.19 -1.54 -0.16
C SER B 20 9.02 -0.85 -1.26
N LYS B 21 10.32 -1.11 -1.26
CA LYS B 21 11.20 -0.61 -2.30
C LYS B 21 10.67 -1.07 -3.67
N GLU B 22 10.25 -2.34 -3.75
CA GLU B 22 9.79 -2.91 -5.01
C GLU B 22 8.51 -2.22 -5.50
N GLN B 23 7.59 -1.93 -4.59
CA GLN B 23 6.37 -1.24 -4.94
C GLN B 23 6.66 0.18 -5.41
N LYS B 24 7.58 0.87 -4.74
CA LYS B 24 7.92 2.23 -5.13
C LYS B 24 8.47 2.22 -6.55
N ASP B 25 9.38 1.28 -6.83
CA ASP B 25 10.01 1.22 -8.14
C ASP B 25 8.96 0.98 -9.23
N LYS B 26 8.00 0.10 -8.96
CA LYS B 26 6.92 -0.16 -9.92
C LYS B 26 6.08 1.08 -10.15
N TRP B 27 5.74 1.75 -9.06
CA TRP B 27 4.92 2.95 -9.16
C TRP B 27 5.63 4.07 -9.93
N ILE B 28 6.93 4.19 -9.75
CA ILE B 28 7.69 5.20 -10.48
C ILE B 28 7.60 4.90 -11.97
N GLN B 29 7.78 3.63 -12.34
CA GLN B 29 7.63 3.22 -13.72
C GLN B 29 6.24 3.53 -14.28
N VAL B 30 5.21 3.17 -13.53
CA VAL B 30 3.83 3.37 -13.99
C VAL B 30 3.56 4.86 -14.18
N LEU B 31 4.04 5.68 -13.25
CA LEU B 31 3.81 7.12 -13.33
C LEU B 31 4.49 7.72 -14.55
N GLU B 32 5.65 7.17 -14.91
CA GLU B 32 6.37 7.70 -16.05
C GLU B 32 5.60 7.43 -17.35
N GLU B 33 4.89 6.32 -17.40
CA GLU B 33 4.17 5.89 -18.60
C GLU B 33 2.71 6.37 -18.68
N VAL B 34 2.18 6.88 -17.57
CA VAL B 34 0.78 7.37 -17.51
C VAL B 34 0.41 8.33 -18.66
N PRO B 35 1.23 9.32 -18.95
CA PRO B 35 0.84 10.26 -20.00
C PRO B 35 0.61 9.62 -21.38
N ALA B 36 1.41 8.62 -21.76
CA ALA B 36 1.21 7.96 -23.05
C ALA B 36 -0.13 7.23 -23.08
N LYS B 37 -0.51 6.63 -21.95
CA LYS B 37 -1.79 5.96 -21.83
C LYS B 37 -2.97 6.93 -21.97
N LEU B 38 -2.88 8.09 -21.32
CA LEU B 38 -3.90 9.14 -21.45
C LEU B 38 -4.01 9.59 -22.90
N LYS B 39 -2.87 9.83 -23.53
CA LYS B 39 -2.83 10.27 -24.91
C LYS B 39 -3.51 9.24 -25.82
N GLN B 40 -3.21 7.97 -25.59
CA GLN B 40 -3.83 6.86 -26.34
C GLN B 40 -5.35 7.00 -26.41
N ALA B 41 -5.93 7.29 -25.25
CA ALA B 41 -7.39 7.38 -25.11
C ALA B 41 -7.99 8.62 -25.75
N VAL B 42 -7.26 9.73 -25.72
CA VAL B 42 -7.83 11.01 -26.13
C VAL B 42 -7.47 11.36 -27.59
N GLU B 43 -6.41 10.75 -28.11
CA GLU B 43 -5.91 10.97 -29.46
C GLU B 43 -6.94 10.73 -30.57
N VAL B 44 -7.84 9.77 -30.31
CA VAL B 44 -8.77 9.31 -31.32
C VAL B 44 -10.11 10.06 -31.32
N MSE B 45 -10.18 11.12 -30.51
CA MSE B 45 -11.47 11.75 -30.25
C MSE B 45 -11.68 13.05 -31.00
O MSE B 45 -10.78 13.88 -31.09
CB MSE B 45 -11.62 11.99 -28.75
CG MSE B 45 -11.81 10.72 -27.97
SE MSE B 45 -12.04 11.16 -26.07
CE MSE B 45 -12.30 9.32 -25.41
N THR B 46 -12.89 13.20 -31.52
CA THR B 46 -13.32 14.44 -32.16
C THR B 46 -13.55 15.50 -31.10
N ASP B 47 -13.67 16.77 -31.50
CA ASP B 47 -14.02 17.82 -30.57
C ASP B 47 -15.35 17.57 -29.87
N SER B 48 -16.35 17.06 -30.59
CA SER B 48 -17.64 16.81 -29.94
C SER B 48 -17.48 15.77 -28.83
N GLN B 49 -16.62 14.78 -29.06
CA GLN B 49 -16.31 13.78 -28.05
C GLN B 49 -15.52 14.37 -26.89
N LEU B 50 -14.57 15.23 -27.19
CA LEU B 50 -13.80 15.89 -26.13
C LEU B 50 -14.71 16.69 -25.21
N ASP B 51 -15.80 17.22 -25.77
CA ASP B 51 -16.68 18.07 -25.00
C ASP B 51 -17.90 17.33 -24.46
N THR B 52 -17.77 16.01 -24.41
CA THR B 52 -18.76 15.15 -23.77
C THR B 52 -18.41 14.89 -22.32
N PRO B 53 -19.35 15.15 -21.42
CA PRO B 53 -19.22 14.78 -20.00
C PRO B 53 -18.91 13.29 -19.80
N TYR B 54 -18.01 12.99 -18.86
CA TYR B 54 -17.62 11.60 -18.62
C TYR B 54 -18.73 10.85 -17.87
N ARG B 55 -19.61 11.62 -17.24
CA ARG B 55 -20.83 11.10 -16.65
C ARG B 55 -21.84 12.23 -16.61
N ASP B 56 -23.09 11.93 -16.28
CA ASP B 56 -24.09 12.97 -16.11
C ASP B 56 -23.69 13.92 -14.97
N GLY B 57 -23.59 15.20 -15.28
CA GLY B 57 -23.20 16.20 -14.28
C GLY B 57 -21.70 16.35 -14.08
N GLY B 58 -20.92 15.57 -14.84
CA GLY B 58 -19.47 15.58 -14.72
C GLY B 58 -18.73 16.46 -15.71
N TRP B 59 -17.43 16.59 -15.47
CA TRP B 59 -16.56 17.29 -16.40
C TRP B 59 -16.51 16.59 -17.75
N THR B 60 -16.21 17.38 -18.79
CA THR B 60 -15.92 16.85 -20.10
C THR B 60 -14.57 16.16 -20.12
N VAL B 61 -14.34 15.37 -21.16
CA VAL B 61 -13.06 14.72 -21.32
C VAL B 61 -11.95 15.78 -21.41
N ARG B 62 -12.25 16.87 -22.11
CA ARG B 62 -11.30 17.96 -22.27
C ARG B 62 -10.94 18.52 -20.89
N GLN B 63 -11.95 18.77 -20.07
CA GLN B 63 -11.70 19.27 -18.72
C GLN B 63 -10.85 18.29 -17.88
N VAL B 64 -11.12 17.00 -18.01
CA VAL B 64 -10.36 15.97 -17.26
C VAL B 64 -8.88 16.02 -17.64
N VAL B 65 -8.62 16.18 -18.92
CA VAL B 65 -7.24 16.25 -19.37
C VAL B 65 -6.53 17.46 -18.75
N HIS B 66 -7.16 18.61 -18.79
CA HIS B 66 -6.52 19.81 -18.28
C HIS B 66 -6.39 19.73 -16.75
N HIS B 67 -7.36 19.08 -16.10
CA HIS B 67 -7.33 18.83 -14.66
C HIS B 67 -6.14 17.98 -14.24
N LEU B 68 -5.84 16.94 -15.00
CA LEU B 68 -4.71 16.09 -14.70
C LEU B 68 -3.43 16.93 -14.71
N ALA B 69 -3.28 17.79 -15.71
CA ALA B 69 -2.08 18.62 -15.79
C ALA B 69 -2.00 19.55 -14.57
N ASP B 70 -3.09 20.24 -14.27
CA ASP B 70 -3.12 21.14 -13.10
C ASP B 70 -2.90 20.42 -11.77
N SER B 71 -3.56 19.29 -11.60
CA SER B 71 -3.44 18.53 -10.36
C SER B 71 -2.01 18.07 -10.16
N HIS B 72 -1.41 17.55 -11.22
CA HIS B 72 -0.10 16.91 -11.11
C HIS B 72 1.01 17.96 -10.98
N MSE B 73 0.84 19.14 -11.57
CA MSE B 73 1.75 20.24 -11.32
C MSE B 73 1.68 20.62 -9.85
O MSE B 73 2.71 20.78 -9.19
CB MSE B 73 1.41 21.44 -12.19
CB MSE B 73 1.42 21.48 -12.19
CG MSE B 73 2.57 22.31 -12.35
CG MSE B 73 1.91 21.38 -13.63
SE MSE B 73 2.08 23.92 -13.24
SE MSE B 73 1.70 23.02 -14.65
CE MSE B 73 0.74 23.19 -14.60
CE MSE B 73 0.08 22.55 -15.46
N ASN B 74 0.47 20.74 -9.31
CA ASN B 74 0.33 21.01 -7.90
C ASN B 74 1.04 19.95 -7.06
N SER B 75 0.88 18.68 -7.41
CA SER B 75 1.51 17.59 -6.66
C SER B 75 3.02 17.62 -6.69
N TYR B 76 3.59 17.91 -7.85
CA TYR B 76 5.04 18.01 -8.01
C TYR B 76 5.58 19.08 -7.09
N ILE B 77 4.92 20.21 -7.04
CA ILE B 77 5.29 21.29 -6.14
C ILE B 77 5.21 20.79 -4.68
N ARG B 78 4.15 20.04 -4.36
CA ARG B 78 4.01 19.56 -2.98
C ARG B 78 5.15 18.61 -2.60
N PHE B 79 5.61 17.78 -3.55
CA PHE B 79 6.78 16.94 -3.29
C PHE B 79 8.04 17.75 -2.99
N LYS B 80 8.30 18.80 -3.76
CA LYS B 80 9.48 19.60 -3.51
C LYS B 80 9.38 20.43 -2.21
N LEU B 81 8.19 20.91 -1.87
CA LEU B 81 7.98 21.52 -0.57
C LEU B 81 8.30 20.52 0.55
N SER B 82 7.83 19.29 0.40
CA SER B 82 7.99 18.26 1.42
C SER B 82 9.44 17.90 1.63
N LEU B 83 10.24 17.99 0.58
CA LEU B 83 11.66 17.64 0.63
C LEU B 83 12.54 18.73 1.22
N THR B 84 12.04 19.96 1.24
CA THR B 84 12.84 21.12 1.63
C THR B 84 12.31 21.83 2.87
N GLU B 85 11.18 21.38 3.40
CA GLU B 85 10.59 21.95 4.62
C GLU B 85 10.18 20.79 5.52
N GLU B 86 10.03 21.02 6.82
CA GLU B 86 9.61 19.93 7.72
C GLU B 86 8.09 19.87 7.84
N THR B 87 7.52 18.83 7.23
CA THR B 87 6.07 18.66 7.14
C THR B 87 5.34 19.96 6.86
N PRO B 88 5.57 20.50 5.67
CA PRO B 88 4.93 21.75 5.26
C PRO B 88 3.41 21.59 5.14
N ALA B 89 2.69 22.66 5.46
CA ALA B 89 1.31 22.78 5.08
C ALA B 89 1.33 23.20 3.61
N ILE B 90 0.65 22.44 2.78
CA ILE B 90 0.56 22.76 1.36
C ILE B 90 -0.58 23.74 1.06
N ARG B 91 -0.68 24.17 -0.20
CA ARG B 91 -1.65 25.17 -0.63
C ARG B 91 -2.76 24.48 -1.40
N PRO B 92 -3.95 24.40 -0.79
CA PRO B 92 -5.12 23.87 -1.51
C PRO B 92 -5.45 24.71 -2.74
N TYR B 93 -6.12 24.11 -3.70
CA TYR B 93 -6.65 24.83 -4.85
C TYR B 93 -8.06 24.34 -5.07
N ASP B 94 -8.86 25.19 -5.68
CA ASP B 94 -10.27 24.90 -5.95
C ASP B 94 -10.38 24.20 -7.30
N GLU B 95 -10.31 22.87 -7.33
CA GLU B 95 -10.27 22.17 -8.62
C GLU B 95 -11.48 22.41 -9.47
N LYS B 96 -12.66 22.58 -8.88
CA LYS B 96 -13.87 22.83 -9.66
C LYS B 96 -13.77 24.18 -10.36
N ALA B 97 -13.33 25.18 -9.62
CA ALA B 97 -13.18 26.54 -10.17
C ALA B 97 -12.11 26.58 -11.28
N TRP B 98 -10.99 25.87 -11.08
CA TRP B 98 -9.96 25.78 -12.14
C TRP B 98 -10.52 25.17 -13.42
N SER B 99 -11.37 24.14 -13.30
CA SER B 99 -11.93 23.47 -14.47
C SER B 99 -13.02 24.29 -15.15
N GLU B 100 -13.58 25.26 -14.46
CA GLU B 100 -14.57 26.11 -15.10
C GLU B 100 -14.00 27.32 -15.83
N LEU B 101 -12.70 27.56 -15.72
CA LEU B 101 -12.06 28.62 -16.50
C LEU B 101 -12.22 28.35 -17.97
N LYS B 102 -12.44 29.41 -18.75
CA LYS B 102 -12.64 29.29 -20.18
C LYS B 102 -11.56 28.41 -20.85
N ASP B 103 -10.32 28.61 -20.44
CA ASP B 103 -9.21 27.87 -21.02
C ASP B 103 -9.35 26.36 -20.79
N SER B 104 -9.79 25.98 -19.60
CA SER B 104 -9.97 24.57 -19.30
C SER B 104 -11.12 23.95 -20.11
N LYS B 105 -12.10 24.75 -20.47
CA LYS B 105 -13.23 24.24 -21.21
C LYS B 105 -13.01 24.20 -22.71
N THR B 106 -11.99 24.89 -23.19
CA THR B 106 -11.81 25.06 -24.64
C THR B 106 -10.43 24.71 -25.26
N ALA B 107 -9.36 24.74 -24.47
CA ALA B 107 -8.03 24.48 -25.03
C ALA B 107 -7.96 23.08 -25.61
N ASP B 108 -7.25 22.94 -26.72
CA ASP B 108 -6.98 21.61 -27.25
C ASP B 108 -6.20 20.77 -26.21
N PRO B 109 -6.51 19.48 -26.09
CA PRO B 109 -5.81 18.64 -25.12
C PRO B 109 -4.32 18.52 -25.41
N SER B 110 -3.88 18.79 -26.63
CA SER B 110 -2.48 18.49 -27.00
C SER B 110 -1.43 19.09 -26.09
N GLY B 111 -1.58 20.38 -25.77
CA GLY B 111 -0.63 21.05 -24.89
C GLY B 111 -0.55 20.43 -23.52
N SER B 112 -1.69 20.08 -22.96
CA SER B 112 -1.72 19.45 -21.65
C SER B 112 -1.16 18.03 -21.67
N LEU B 113 -1.44 17.29 -22.73
CA LEU B 113 -0.86 15.96 -22.87
C LEU B 113 0.65 16.03 -22.92
N ALA B 114 1.18 16.99 -23.66
CA ALA B 114 2.61 17.15 -23.81
C ALA B 114 3.23 17.65 -22.53
N LEU B 115 2.52 18.56 -21.87
CA LEU B 115 2.98 19.02 -20.57
C LEU B 115 3.03 17.88 -19.57
N LEU B 116 1.98 17.07 -19.51
CA LEU B 116 1.98 15.93 -18.60
C LEU B 116 3.14 14.97 -18.86
N GLN B 117 3.43 14.72 -20.13
CA GLN B 117 4.54 13.84 -20.48
C GLN B 117 5.83 14.37 -19.87
N GLU B 118 6.11 15.66 -20.06
CA GLU B 118 7.38 16.22 -19.57
C GLU B 118 7.41 16.34 -18.05
N LEU B 119 6.26 16.65 -17.45
CA LEU B 119 6.16 16.80 -16.02
C LEU B 119 6.38 15.47 -15.33
N HIS B 120 5.70 14.44 -15.81
CA HIS B 120 5.91 13.10 -15.29
C HIS B 120 7.38 12.66 -15.47
N GLY B 121 8.02 13.07 -16.57
CA GLY B 121 9.44 12.83 -16.74
C GLY B 121 10.30 13.40 -15.64
N ARG B 122 10.11 14.70 -15.34
CA ARG B 122 10.86 15.36 -14.26
C ARG B 122 10.47 14.85 -12.88
N TRP B 123 9.20 14.54 -12.70
CA TRP B 123 8.70 14.04 -11.42
C TRP B 123 9.33 12.67 -11.12
N THR B 124 9.35 11.77 -12.09
CA THR B 124 9.95 10.45 -11.88
C THR B 124 11.46 10.54 -11.71
N ALA B 125 12.11 11.48 -12.38
CA ALA B 125 13.54 11.70 -12.17
C ALA B 125 13.80 12.08 -10.72
N LEU B 126 13.00 13.03 -10.21
CA LEU B 126 13.08 13.43 -8.81
C LEU B 126 12.90 12.21 -7.91
N LEU B 127 11.88 11.42 -8.21
CA LEU B 127 11.55 10.28 -7.34
C LEU B 127 12.72 9.28 -7.28
N ARG B 128 13.39 9.09 -8.39
CA ARG B 128 14.49 8.15 -8.41
C ARG B 128 15.73 8.61 -7.66
N THR B 129 15.85 9.91 -7.39
CA THR B 129 16.95 10.40 -6.55
C THR B 129 16.73 10.21 -5.04
N LEU B 130 15.50 9.90 -4.64
CA LEU B 130 15.14 9.97 -3.23
C LEU B 130 15.60 8.76 -2.44
N THR B 131 16.06 9.03 -1.22
CA THR B 131 16.41 7.97 -0.28
C THR B 131 15.13 7.42 0.34
N ASP B 132 15.22 6.26 0.99
CA ASP B 132 14.06 5.70 1.67
C ASP B 132 13.55 6.67 2.72
N GLN B 133 14.48 7.37 3.37
CA GLN B 133 14.11 8.30 4.42
C GLN B 133 13.35 9.51 3.87
N GLN B 134 13.74 9.98 2.69
CA GLN B 134 13.06 11.10 2.06
C GLN B 134 11.65 10.69 1.65
N PHE B 135 11.47 9.43 1.28
CA PHE B 135 10.14 8.95 0.94
C PHE B 135 9.21 8.88 2.15
N LYS B 136 9.79 8.85 3.34
CA LYS B 136 8.98 8.83 4.56
C LYS B 136 8.62 10.23 5.04
N ARG B 137 9.17 11.27 4.42
CA ARG B 137 8.80 12.65 4.73
C ARG B 137 7.34 12.87 4.31
N GLY B 138 6.67 13.79 4.99
CA GLY B 138 5.25 14.01 4.75
C GLY B 138 4.88 15.46 4.50
N PHE B 139 3.62 15.69 4.14
CA PHE B 139 3.05 17.01 4.10
C PHE B 139 1.64 17.02 4.66
N TYR B 140 1.15 18.22 4.93
CA TYR B 140 -0.07 18.46 5.68
C TYR B 140 -1.07 19.23 4.83
N HIS B 141 -2.30 18.75 4.79
CA HIS B 141 -3.39 19.46 4.15
C HIS B 141 -4.20 20.26 5.17
N PRO B 142 -4.14 21.58 5.10
CA PRO B 142 -4.75 22.43 6.13
C PRO B 142 -6.28 22.34 6.23
N ASP B 143 -6.94 21.92 5.15
CA ASP B 143 -8.40 21.74 5.16
C ASP B 143 -8.83 20.36 5.70
N THR B 144 -8.27 19.28 5.18
CA THR B 144 -8.67 17.94 5.60
C THR B 144 -8.01 17.50 6.90
N LYS B 145 -6.91 18.17 7.27
CA LYS B 145 -6.15 17.88 8.48
C LYS B 145 -5.37 16.57 8.33
N GLU B 146 -5.17 16.11 7.10
CA GLU B 146 -4.50 14.85 6.85
C GLU B 146 -3.00 15.06 6.67
N ILE B 147 -2.23 14.10 7.17
CA ILE B 147 -0.81 14.05 6.90
C ILE B 147 -0.60 12.86 5.96
N ILE B 148 0.17 13.08 4.90
CA ILE B 148 0.46 12.01 3.96
C ILE B 148 1.96 11.98 3.67
N THR B 149 2.52 10.78 3.62
CA THR B 149 3.93 10.63 3.27
C THR B 149 4.12 10.60 1.76
N LEU B 150 5.34 10.90 1.33
CA LEU B 150 5.63 10.98 -0.08
C LEU B 150 5.42 9.62 -0.76
N GLU B 151 5.75 8.51 -0.09
CA GLU B 151 5.53 7.21 -0.73
C GLU B 151 4.04 6.93 -0.93
N ASN B 152 3.21 7.33 0.03
CA ASN B 152 1.75 7.24 -0.18
C ASN B 152 1.22 8.25 -1.19
N ALA B 153 1.79 9.46 -1.26
CA ALA B 153 1.38 10.42 -2.29
C ALA B 153 1.69 9.88 -3.68
N LEU B 154 2.81 9.17 -3.83
CA LEU B 154 3.16 8.49 -5.06
C LEU B 154 2.06 7.48 -5.44
N GLY B 155 1.66 6.63 -4.48
CA GLY B 155 0.60 5.68 -4.73
C GLY B 155 -0.72 6.36 -5.09
N LEU B 156 -1.00 7.45 -4.40
CA LEU B 156 -2.19 8.26 -4.65
C LEU B 156 -2.22 8.86 -6.05
N TYR B 157 -1.08 9.32 -6.57
CA TYR B 157 -1.10 9.94 -7.88
C TYR B 157 -1.02 8.94 -9.02
N VAL B 158 -0.49 7.75 -8.76
CA VAL B 158 -0.68 6.65 -9.70
C VAL B 158 -2.18 6.34 -9.78
N TRP B 159 -2.84 6.27 -8.63
CA TRP B 159 -4.27 6.03 -8.61
C TRP B 159 -5.00 7.13 -9.36
N HIS B 160 -4.65 8.39 -9.11
CA HIS B 160 -5.35 9.53 -9.71
C HIS B 160 -5.26 9.48 -11.22
N SER B 161 -4.08 9.13 -11.72
CA SER B 161 -3.88 8.93 -13.14
C SER B 161 -4.83 7.85 -13.69
N HIS B 162 -4.82 6.67 -13.08
CA HIS B 162 -5.63 5.56 -13.56
C HIS B 162 -7.13 5.83 -13.47
N HIS B 163 -7.51 6.52 -12.41
CA HIS B 163 -8.90 6.93 -12.12
C HIS B 163 -9.47 7.83 -13.22
N HIS B 164 -8.74 8.88 -13.59
CA HIS B 164 -9.24 9.78 -14.63
C HIS B 164 -9.08 9.21 -16.04
N ILE B 165 -8.07 8.38 -16.25
CA ILE B 165 -7.98 7.67 -17.52
C ILE B 165 -9.19 6.76 -17.66
N ALA B 166 -9.56 6.08 -16.57
CA ALA B 166 -10.74 5.22 -16.57
C ALA B 166 -12.03 6.01 -16.83
N HIS B 167 -12.10 7.25 -16.36
CA HIS B 167 -13.27 8.11 -16.62
C HIS B 167 -13.47 8.24 -18.12
N ILE B 168 -12.36 8.46 -18.81
CA ILE B 168 -12.34 8.68 -20.25
C ILE B 168 -12.61 7.39 -21.02
N THR B 169 -11.92 6.30 -20.67
CA THR B 169 -12.07 5.06 -21.42
C THR B 169 -13.42 4.42 -21.18
N GLU B 170 -13.95 4.54 -19.95
CA GLU B 170 -15.29 4.06 -19.65
C GLU B 170 -16.33 4.80 -20.47
N LEU B 171 -16.11 6.09 -20.70
CA LEU B 171 -17.03 6.88 -21.51
C LEU B 171 -17.05 6.39 -22.95
N SER B 172 -15.87 6.11 -23.51
CA SER B 172 -15.78 5.71 -24.90
C SER B 172 -16.49 4.38 -25.08
N ARG B 173 -16.34 3.51 -24.08
CA ARG B 173 -16.95 2.19 -24.07
C ARG B 173 -18.47 2.30 -23.97
N ARG B 174 -18.98 3.09 -23.04
CA ARG B 174 -20.42 3.24 -22.89
C ARG B 174 -21.01 3.83 -24.15
N MSE B 175 -20.24 4.68 -24.83
CA MSE B 175 -20.73 5.39 -26.01
C MSE B 175 -20.52 4.62 -27.30
O MSE B 175 -21.08 5.01 -28.33
CB MSE B 175 -20.04 6.75 -26.12
CG MSE B 175 -20.34 7.69 -24.97
SE MSE B 175 -22.22 8.21 -24.87
CE MSE B 175 -22.86 6.94 -23.52
N GLY B 176 -19.72 3.56 -27.26
CA GLY B 176 -19.40 2.78 -28.43
C GLY B 176 -18.53 3.50 -29.46
N TRP B 177 -17.68 4.42 -29.02
CA TRP B 177 -16.79 5.14 -29.92
C TRP B 177 -15.64 4.26 -30.39
N SER B 178 -14.93 4.74 -31.39
CA SER B 178 -13.76 4.03 -31.93
C SER B 178 -12.62 5.02 -32.24
N ASN C 5 24.60 44.68 -13.40
CA ASN C 5 25.87 44.03 -13.01
C ASN C 5 25.83 42.51 -13.20
N LEU C 6 26.67 41.77 -12.48
CA LEU C 6 26.73 40.33 -12.61
C LEU C 6 25.49 39.64 -12.04
N SER C 7 25.03 40.10 -10.88
CA SER C 7 23.88 39.48 -10.26
C SER C 7 22.59 39.88 -10.98
N TYR C 8 22.59 41.08 -11.58
CA TYR C 8 21.40 41.66 -12.21
C TYR C 8 21.78 42.26 -13.55
N PRO C 9 22.01 41.41 -14.53
CA PRO C 9 22.45 41.83 -15.86
C PRO C 9 21.43 42.70 -16.61
N ILE C 10 20.15 42.63 -16.29
CA ILE C 10 19.17 43.49 -16.93
C ILE C 10 18.41 44.32 -15.92
N GLY C 11 19.00 44.58 -14.76
CA GLY C 11 18.34 45.32 -13.69
C GLY C 11 17.24 44.51 -13.03
N GLU C 12 16.38 45.20 -12.29
CA GLU C 12 15.27 44.57 -11.57
C GLU C 12 13.96 45.00 -12.20
N TYR C 13 12.89 44.20 -12.02
CA TYR C 13 11.54 44.55 -12.49
C TYR C 13 10.95 45.72 -11.68
N LYS C 14 10.47 46.72 -12.42
CA LYS C 14 9.76 47.85 -11.83
C LYS C 14 8.28 47.77 -12.17
N PRO C 15 7.44 47.48 -11.17
CA PRO C 15 5.99 47.43 -11.40
C PRO C 15 5.45 48.79 -11.82
N ARG C 16 4.35 48.77 -12.59
CA ARG C 16 3.64 49.99 -13.00
C ARG C 16 2.20 49.95 -12.52
N GLU C 17 1.58 51.12 -12.40
CA GLU C 17 0.20 51.20 -11.93
C GLU C 17 -0.75 50.65 -12.99
N SER C 18 -0.43 50.93 -14.25
CA SER C 18 -1.19 50.38 -15.36
C SER C 18 -0.29 49.96 -16.53
N ILE C 19 -0.82 49.07 -17.34
CA ILE C 19 -0.06 48.44 -18.40
C ILE C 19 -0.95 48.39 -19.62
N SER C 20 -0.47 48.93 -20.72
CA SER C 20 -1.26 49.01 -21.92
C SER C 20 -1.53 47.65 -22.51
N LYS C 21 -2.59 47.57 -23.29
CA LYS C 21 -2.88 46.38 -24.07
C LYS C 21 -1.68 46.01 -24.93
N GLU C 22 -1.07 47.00 -25.56
CA GLU C 22 0.07 46.78 -26.45
C GLU C 22 1.24 46.14 -25.70
N GLN C 23 1.50 46.61 -24.49
CA GLN C 23 2.58 46.05 -23.68
C GLN C 23 2.24 44.64 -23.23
N LYS C 24 0.99 44.43 -22.80
CA LYS C 24 0.55 43.09 -22.41
C LYS C 24 0.71 42.09 -23.56
N ASP C 25 0.28 42.46 -24.75
CA ASP C 25 0.41 41.57 -25.89
C ASP C 25 1.86 41.29 -26.25
N LYS C 26 2.73 42.30 -26.19
CA LYS C 26 4.14 42.07 -26.43
C LYS C 26 4.73 41.10 -25.40
N TRP C 27 4.35 41.28 -24.14
CA TRP C 27 4.86 40.39 -23.10
C TRP C 27 4.37 38.95 -23.26
N ILE C 28 3.15 38.76 -23.72
CA ILE C 28 2.64 37.40 -23.93
C ILE C 28 3.49 36.72 -25.02
N GLN C 29 3.78 37.47 -26.09
CA GLN C 29 4.66 36.96 -27.15
C GLN C 29 6.06 36.63 -26.63
N VAL C 30 6.64 37.50 -25.82
CA VAL C 30 7.95 37.21 -25.24
C VAL C 30 7.89 35.92 -24.43
N LEU C 31 6.86 35.78 -23.61
CA LEU C 31 6.74 34.59 -22.78
C LEU C 31 6.64 33.34 -23.66
N GLU C 32 5.96 33.42 -24.80
CA GLU C 32 5.84 32.22 -25.64
C GLU C 32 7.20 31.81 -26.18
N GLU C 33 8.09 32.79 -26.39
CA GLU C 33 9.39 32.57 -26.98
C GLU C 33 10.51 32.24 -25.99
N VAL C 34 10.27 32.47 -24.72
CA VAL C 34 11.30 32.24 -23.69
C VAL C 34 11.94 30.85 -23.76
N PRO C 35 11.15 29.78 -23.85
CA PRO C 35 11.79 28.45 -23.81
C PRO C 35 12.76 28.21 -24.95
N ALA C 36 12.42 28.69 -26.14
CA ALA C 36 13.37 28.63 -27.27
C ALA C 36 14.65 29.43 -27.01
N LYS C 37 14.52 30.60 -26.40
CA LYS C 37 15.68 31.45 -26.10
C LYS C 37 16.55 30.79 -25.05
N LEU C 38 15.94 30.15 -24.06
CA LEU C 38 16.68 29.42 -23.05
C LEU C 38 17.43 28.25 -23.67
N LYS C 39 16.73 27.49 -24.50
CA LYS C 39 17.31 26.38 -25.20
C LYS C 39 18.53 26.82 -26.00
N GLN C 40 18.41 27.94 -26.71
CA GLN C 40 19.52 28.48 -27.51
C GLN C 40 20.72 28.86 -26.62
N ALA C 41 20.44 29.35 -25.41
CA ALA C 41 21.50 29.78 -24.50
C ALA C 41 22.34 28.61 -24.00
N VAL C 42 21.74 27.42 -23.91
CA VAL C 42 22.44 26.27 -23.38
C VAL C 42 22.69 25.20 -24.43
N GLU C 43 22.41 25.52 -25.68
CA GLU C 43 22.28 24.54 -26.75
C GLU C 43 23.53 23.66 -26.90
N VAL C 44 24.72 24.24 -26.92
CA VAL C 44 25.87 23.40 -27.23
C VAL C 44 26.57 22.84 -26.01
N MSE C 45 26.12 23.24 -24.82
CA MSE C 45 26.94 23.14 -23.64
C MSE C 45 27.27 21.70 -23.22
O MSE C 45 26.40 20.83 -23.24
CB MSE C 45 26.30 23.88 -22.49
CG MSE C 45 26.37 25.40 -22.67
SE MSE C 45 25.86 26.32 -21.04
CE MSE C 45 26.01 28.09 -21.71
N THR C 46 28.53 21.50 -22.85
CA THR C 46 28.98 20.26 -22.23
C THR C 46 28.54 20.24 -20.78
N ASP C 47 28.70 19.08 -20.14
CA ASP C 47 28.33 18.95 -18.74
C ASP C 47 29.19 19.85 -17.85
N SER C 48 30.48 19.99 -18.18
CA SER C 48 31.33 20.86 -17.37
C SER C 48 30.90 22.33 -17.51
N GLN C 49 30.44 22.75 -18.70
CA GLN C 49 29.87 24.08 -18.89
C GLN C 49 28.58 24.23 -18.07
N LEU C 50 27.71 23.24 -18.14
CA LEU C 50 26.44 23.29 -17.38
C LEU C 50 26.69 23.38 -15.90
N ASP C 51 27.81 22.80 -15.44
CA ASP C 51 28.12 22.84 -14.01
C ASP C 51 29.02 23.98 -13.58
N THR C 52 29.13 24.98 -14.43
CA THR C 52 29.83 26.21 -14.08
C THR C 52 28.85 27.22 -13.45
N PRO C 53 29.19 27.72 -12.26
CA PRO C 53 28.45 28.84 -11.67
C PRO C 53 28.40 30.08 -12.56
N TYR C 54 27.25 30.74 -12.59
CA TYR C 54 27.06 31.91 -13.42
C TYR C 54 27.78 33.12 -12.84
N ARG C 55 28.12 33.06 -11.54
CA ARG C 55 28.94 34.06 -10.85
C ARG C 55 29.53 33.40 -9.60
N ASP C 56 30.54 34.00 -8.97
CA ASP C 56 31.24 33.29 -7.90
C ASP C 56 30.35 32.62 -6.85
N GLY C 57 29.53 33.36 -6.14
CA GLY C 57 28.71 32.69 -5.12
C GLY C 57 27.52 31.89 -5.63
N GLY C 58 27.44 31.68 -6.95
CA GLY C 58 26.14 31.45 -7.59
C GLY C 58 25.78 30.04 -8.03
N TRP C 59 24.54 29.91 -8.48
CA TRP C 59 24.06 28.67 -9.07
C TRP C 59 24.75 28.37 -10.37
N THR C 60 24.86 27.08 -10.68
CA THR C 60 25.33 26.64 -11.99
C THR C 60 24.31 26.90 -13.05
N VAL C 61 24.75 26.90 -14.30
CA VAL C 61 23.83 27.02 -15.43
C VAL C 61 22.72 25.96 -15.35
N ARG C 62 23.12 24.72 -15.06
CA ARG C 62 22.17 23.63 -14.87
C ARG C 62 21.10 23.97 -13.84
N GLN C 63 21.51 24.44 -12.67
CA GLN C 63 20.58 24.82 -11.62
C GLN C 63 19.64 25.93 -12.07
N VAL C 64 20.17 26.91 -12.81
CA VAL C 64 19.33 27.97 -13.38
C VAL C 64 18.21 27.45 -14.29
N VAL C 65 18.54 26.52 -15.18
CA VAL C 65 17.56 25.89 -16.03
C VAL C 65 16.44 25.24 -15.21
N HIS C 66 16.80 24.42 -14.25
CA HIS C 66 15.81 23.72 -13.46
C HIS C 66 15.00 24.69 -12.58
N HIS C 67 15.65 25.76 -12.12
CA HIS C 67 14.99 26.80 -11.34
C HIS C 67 13.89 27.49 -12.13
N LEU C 68 14.14 27.75 -13.41
CA LEU C 68 13.14 28.40 -14.26
C LEU C 68 11.92 27.52 -14.38
N ALA C 69 12.14 26.21 -14.57
CA ALA C 69 11.00 25.29 -14.64
C ALA C 69 10.20 25.35 -13.34
N ASP C 70 10.86 25.26 -12.20
CA ASP C 70 10.19 25.26 -10.92
C ASP C 70 9.50 26.57 -10.61
N SER C 71 10.16 27.69 -10.90
CA SER C 71 9.64 29.00 -10.61
C SER C 71 8.39 29.22 -11.43
N HIS C 72 8.46 28.84 -12.70
CA HIS C 72 7.39 29.17 -13.62
C HIS C 72 6.17 28.26 -13.43
N MSE C 73 6.41 27.03 -13.00
CA MSE C 73 5.30 26.16 -12.57
C MSE C 73 4.62 26.79 -11.38
O MSE C 73 3.39 26.91 -11.35
CB MSE C 73 5.82 24.76 -12.18
CB MSE C 73 5.78 24.76 -12.23
CG MSE C 73 6.13 23.84 -13.35
CG MSE C 73 4.62 23.84 -11.98
SE MSE C 73 6.54 21.97 -12.83
SE MSE C 73 5.24 22.06 -11.67
CE MSE C 73 8.33 22.01 -12.84
CE MSE C 73 5.45 21.76 -13.52
N ASN C 74 5.37 27.25 -10.40
CA ASN C 74 4.77 27.94 -9.28
C ASN C 74 3.98 29.17 -9.71
N SER C 75 4.52 29.94 -10.67
CA SER C 75 3.84 31.15 -11.13
C SER C 75 2.53 30.84 -11.86
N TYR C 76 2.56 29.86 -12.75
CA TYR C 76 1.35 29.45 -13.44
C TYR C 76 0.25 29.09 -12.43
N ILE C 77 0.60 28.31 -11.41
CA ILE C 77 -0.36 27.96 -10.36
C ILE C 77 -0.90 29.21 -9.67
N ARG C 78 -0.04 30.16 -9.36
CA ARG C 78 -0.45 31.42 -8.75
C ARG C 78 -1.42 32.24 -9.62
N PHE C 79 -1.24 32.20 -10.95
CA PHE C 79 -2.20 32.80 -11.85
C PHE C 79 -3.56 32.14 -11.68
N LYS C 80 -3.62 30.82 -11.68
CA LYS C 80 -4.90 30.15 -11.56
C LYS C 80 -5.54 30.33 -10.19
N LEU C 81 -4.74 30.40 -9.13
CA LEU C 81 -5.29 30.76 -7.81
C LEU C 81 -5.92 32.13 -7.87
N SER C 82 -5.24 33.07 -8.53
CA SER C 82 -5.71 34.45 -8.60
C SER C 82 -6.99 34.60 -9.37
N LEU C 83 -7.18 33.75 -10.37
CA LEU C 83 -8.35 33.81 -11.21
C LEU C 83 -9.57 33.17 -10.55
N THR C 84 -9.34 32.33 -9.55
CA THR C 84 -10.41 31.54 -8.98
C THR C 84 -10.70 31.84 -7.52
N GLU C 85 -9.90 32.71 -6.90
CA GLU C 85 -10.07 33.11 -5.50
C GLU C 85 -9.94 34.62 -5.41
N GLU C 86 -10.53 35.23 -4.37
CA GLU C 86 -10.46 36.67 -4.21
C GLU C 86 -9.15 37.09 -3.53
N THR C 87 -8.27 37.72 -4.30
CA THR C 87 -6.93 38.09 -3.82
C THR C 87 -6.30 37.07 -2.86
N PRO C 88 -5.98 35.90 -3.37
CA PRO C 88 -5.44 34.83 -2.54
C PRO C 88 -4.06 35.12 -2.00
N ALA C 89 -3.79 34.64 -0.79
CA ALA C 89 -2.44 34.54 -0.29
C ALA C 89 -1.75 33.37 -1.01
N ILE C 90 -0.58 33.59 -1.59
CA ILE C 90 0.07 32.48 -2.29
C ILE C 90 1.01 31.76 -1.34
N ARG C 91 1.58 30.67 -1.81
CA ARG C 91 2.45 29.83 -0.98
C ARG C 91 3.90 30.01 -1.42
N PRO C 92 4.71 30.69 -0.61
CA PRO C 92 6.14 30.83 -0.94
C PRO C 92 6.84 29.48 -0.95
N TYR C 93 7.96 29.38 -1.65
CA TYR C 93 8.79 28.18 -1.57
C TYR C 93 10.25 28.64 -1.42
N ASP C 94 11.08 27.75 -0.87
CA ASP C 94 12.50 28.02 -0.62
C ASP C 94 13.33 27.74 -1.86
N GLU C 95 13.48 28.75 -2.73
CA GLU C 95 14.23 28.69 -3.98
C GLU C 95 15.60 28.04 -3.83
N LYS C 96 16.32 28.48 -2.82
CA LYS C 96 17.68 28.00 -2.58
C LYS C 96 17.66 26.50 -2.27
N ALA C 97 16.77 26.07 -1.37
CA ALA C 97 16.68 24.65 -1.00
C ALA C 97 16.25 23.77 -2.18
N TRP C 98 15.29 24.24 -2.98
CA TRP C 98 14.88 23.48 -4.14
C TRP C 98 16.09 23.30 -5.07
N SER C 99 16.91 24.34 -5.21
CA SER C 99 18.04 24.28 -6.11
C SER C 99 19.17 23.41 -5.58
N GLU C 100 19.19 23.16 -4.27
CA GLU C 100 20.19 22.31 -3.67
C GLU C 100 19.83 20.82 -3.71
N LEU C 101 18.61 20.47 -4.10
CA LEU C 101 18.25 19.06 -4.23
C LEU C 101 19.18 18.39 -5.26
N LYS C 102 19.54 17.13 -5.01
CA LYS C 102 20.37 16.34 -5.93
C LYS C 102 19.88 16.42 -7.37
N ASP C 103 18.58 16.31 -7.57
CA ASP C 103 18.02 16.36 -8.91
C ASP C 103 18.33 17.71 -9.59
N SER C 104 18.22 18.81 -8.86
CA SER C 104 18.46 20.13 -9.46
C SER C 104 19.92 20.30 -9.86
N LYS C 105 20.81 19.62 -9.15
CA LYS C 105 22.23 19.75 -9.37
C LYS C 105 22.76 18.83 -10.45
N THR C 106 21.99 17.81 -10.79
CA THR C 106 22.49 16.77 -11.68
C THR C 106 21.68 16.44 -12.93
N ALA C 107 20.36 16.63 -12.91
CA ALA C 107 19.55 16.25 -14.09
C ALA C 107 19.97 16.99 -15.36
N ASP C 108 19.91 16.29 -16.48
CA ASP C 108 20.13 16.89 -17.80
C ASP C 108 19.10 18.00 -17.98
N PRO C 109 19.51 19.11 -18.58
CA PRO C 109 18.54 20.17 -18.86
C PRO C 109 17.40 19.79 -19.77
N SER C 110 17.52 18.74 -20.59
CA SER C 110 16.54 18.47 -21.65
C SER C 110 15.10 18.42 -21.16
N GLY C 111 14.82 17.69 -20.08
CA GLY C 111 13.48 17.54 -19.56
C GLY C 111 12.89 18.85 -19.06
N SER C 112 13.70 19.69 -18.43
CA SER C 112 13.21 20.98 -17.97
C SER C 112 13.00 21.92 -19.14
N LEU C 113 13.85 21.86 -20.16
CA LEU C 113 13.63 22.70 -21.33
C LEU C 113 12.33 22.35 -22.04
N ALA C 114 12.04 21.05 -22.11
CA ALA C 114 10.83 20.54 -22.76
C ALA C 114 9.60 20.87 -21.92
N LEU C 115 9.74 20.77 -20.59
CA LEU C 115 8.66 21.13 -19.69
C LEU C 115 8.36 22.61 -19.82
N LEU C 116 9.41 23.41 -19.85
CA LEU C 116 9.20 24.86 -19.97
C LEU C 116 8.49 25.22 -21.25
N GLN C 117 8.87 24.60 -22.36
CA GLN C 117 8.20 24.83 -23.64
C GLN C 117 6.70 24.56 -23.53
N GLU C 118 6.33 23.42 -22.95
CA GLU C 118 4.91 23.11 -22.86
C GLU C 118 4.17 23.98 -21.86
N LEU C 119 4.83 24.27 -20.74
CA LEU C 119 4.27 25.10 -19.69
C LEU C 119 4.02 26.51 -20.20
N HIS C 120 5.00 27.10 -20.88
CA HIS C 120 4.82 28.44 -21.46
C HIS C 120 3.74 28.45 -22.53
N GLY C 121 3.58 27.34 -23.26
CA GLY C 121 2.47 27.26 -24.20
C GLY C 121 1.11 27.30 -23.50
N ARG C 122 0.94 26.51 -22.45
CA ARG C 122 -0.31 26.56 -21.69
C ARG C 122 -0.51 27.90 -20.97
N TRP C 123 0.57 28.49 -20.52
CA TRP C 123 0.51 29.72 -19.76
C TRP C 123 0.10 30.86 -20.68
N THR C 124 0.72 30.99 -21.85
CA THR C 124 0.29 32.02 -22.79
C THR C 124 -1.11 31.76 -23.33
N ALA C 125 -1.52 30.50 -23.43
CA ALA C 125 -2.91 30.22 -23.85
C ALA C 125 -3.87 30.78 -22.83
N LEU C 126 -3.57 30.54 -21.57
CA LEU C 126 -4.39 31.07 -20.48
C LEU C 126 -4.44 32.60 -20.58
N LEU C 127 -3.28 33.21 -20.75
CA LEU C 127 -3.21 34.67 -20.80
C LEU C 127 -4.00 35.28 -21.93
N ARG C 128 -4.04 34.61 -23.08
CA ARG C 128 -4.81 35.08 -24.22
C ARG C 128 -6.32 35.01 -23.98
N THR C 129 -6.78 34.21 -23.03
CA THR C 129 -8.22 34.14 -22.70
C THR C 129 -8.68 35.23 -21.74
N LEU C 130 -7.74 35.89 -21.07
CA LEU C 130 -8.11 36.77 -19.96
C LEU C 130 -8.72 38.10 -20.42
N THR C 131 -9.71 38.56 -19.69
CA THR C 131 -10.22 39.92 -19.90
C THR C 131 -9.35 40.93 -19.20
N ASP C 132 -9.53 42.21 -19.55
CA ASP C 132 -8.78 43.28 -18.90
C ASP C 132 -9.02 43.22 -17.40
N GLN C 133 -10.25 42.93 -17.00
CA GLN C 133 -10.58 42.90 -15.59
C GLN C 133 -9.87 41.76 -14.86
N GLN C 134 -9.77 40.61 -15.53
CA GLN C 134 -9.08 39.48 -14.92
C GLN C 134 -7.60 39.78 -14.76
N PHE C 135 -7.02 40.53 -15.71
CA PHE C 135 -5.64 40.95 -15.60
C PHE C 135 -5.38 41.91 -14.43
N LYS C 136 -6.43 42.56 -13.91
CA LYS C 136 -6.31 43.46 -12.76
C LYS C 136 -6.50 42.75 -11.41
N ARG C 137 -6.92 41.48 -11.46
CA ARG C 137 -6.93 40.63 -10.29
C ARG C 137 -5.50 40.43 -9.82
N GLY C 138 -5.34 40.17 -8.53
CA GLY C 138 -4.00 40.03 -7.97
C GLY C 138 -3.90 38.95 -6.91
N PHE C 139 -2.73 38.86 -6.30
CA PHE C 139 -2.48 37.93 -5.20
C PHE C 139 -1.51 38.59 -4.26
N TYR C 140 -1.43 38.11 -3.03
CA TYR C 140 -0.41 38.66 -2.14
C TYR C 140 0.56 37.62 -1.57
N HIS C 141 1.78 38.07 -1.31
CA HIS C 141 2.76 37.34 -0.52
C HIS C 141 2.39 37.55 0.95
N PRO C 142 2.21 36.48 1.72
CA PRO C 142 1.78 36.62 3.12
C PRO C 142 2.78 37.38 3.98
N ASP C 143 4.01 37.55 3.49
CA ASP C 143 5.07 38.23 4.24
C ASP C 143 5.28 39.68 3.78
N THR C 144 5.35 39.89 2.47
CA THR C 144 5.55 41.24 1.94
C THR C 144 4.23 42.00 1.93
N LYS C 145 3.14 41.26 2.14
CA LYS C 145 1.78 41.80 2.06
C LYS C 145 1.58 42.78 0.90
N GLU C 146 2.38 42.60 -0.14
CA GLU C 146 2.24 43.39 -1.35
C GLU C 146 1.26 42.65 -2.25
N ILE C 147 0.29 43.37 -2.82
CA ILE C 147 -0.61 42.82 -3.80
C ILE C 147 0.04 43.03 -5.17
N ILE C 148 0.16 41.96 -5.94
CA ILE C 148 0.63 42.12 -7.31
C ILE C 148 -0.45 41.67 -8.27
N THR C 149 -0.75 42.50 -9.26
CA THR C 149 -1.76 42.20 -10.26
C THR C 149 -1.20 41.25 -11.28
N LEU C 150 -2.09 40.55 -11.98
CA LEU C 150 -1.64 39.57 -12.97
C LEU C 150 -0.91 40.24 -14.10
N GLU C 151 -1.29 41.46 -14.45
CA GLU C 151 -0.55 42.14 -15.52
C GLU C 151 0.87 42.46 -15.07
N ASN C 152 1.04 42.86 -13.80
CA ASN C 152 2.41 43.05 -13.30
C ASN C 152 3.18 41.75 -13.11
N ALA C 153 2.49 40.67 -12.74
CA ALA C 153 3.12 39.36 -12.65
C ALA C 153 3.64 38.90 -14.01
N LEU C 154 2.88 39.20 -15.06
CA LEU C 154 3.31 38.94 -16.42
C LEU C 154 4.63 39.66 -16.71
N GLY C 155 4.69 40.97 -16.43
CA GLY C 155 5.92 41.73 -16.57
C GLY C 155 7.07 41.15 -15.74
N LEU C 156 6.79 40.80 -14.50
CA LEU C 156 7.78 40.20 -13.62
C LEU C 156 8.37 38.87 -14.16
N TYR C 157 7.54 38.03 -14.78
CA TYR C 157 8.02 36.74 -15.25
C TYR C 157 8.65 36.81 -16.61
N VAL C 158 8.31 37.84 -17.40
CA VAL C 158 9.11 38.20 -18.57
C VAL C 158 10.50 38.63 -18.11
N TRP C 159 10.55 39.50 -17.12
CA TRP C 159 11.82 39.92 -16.55
C TRP C 159 12.58 38.72 -16.03
N HIS C 160 11.91 37.86 -15.27
CA HIS C 160 12.58 36.73 -14.62
C HIS C 160 13.23 35.83 -15.65
N SER C 161 12.46 35.59 -16.72
CA SER C 161 12.95 34.78 -17.81
C SER C 161 14.24 35.35 -18.38
N HIS C 162 14.24 36.63 -18.70
CA HIS C 162 15.39 37.21 -19.39
C HIS C 162 16.54 37.54 -18.46
N HIS C 163 16.22 37.70 -17.17
CA HIS C 163 17.23 37.83 -16.12
C HIS C 163 18.11 36.56 -16.04
N HIS C 164 17.48 35.41 -15.90
CA HIS C 164 18.20 34.15 -15.84
C HIS C 164 18.81 33.73 -17.17
N ILE C 165 18.14 34.03 -18.28
CA ILE C 165 18.77 33.74 -19.57
C ILE C 165 20.03 34.60 -19.71
N ALA C 166 19.99 35.85 -19.26
CA ALA C 166 21.16 36.71 -19.31
C ALA C 166 22.30 36.18 -18.41
N HIS C 167 21.97 35.64 -17.24
CA HIS C 167 22.98 35.01 -16.41
C HIS C 167 23.80 34.03 -17.23
N ILE C 168 23.09 33.23 -18.03
CA ILE C 168 23.71 32.19 -18.84
C ILE C 168 24.50 32.79 -20.02
N THR C 169 23.86 33.64 -20.80
CA THR C 169 24.53 34.18 -21.99
C THR C 169 25.71 35.05 -21.64
N GLU C 170 25.62 35.77 -20.51
CA GLU C 170 26.73 36.60 -20.05
C GLU C 170 27.89 35.72 -19.58
N LEU C 171 27.60 34.61 -18.91
CA LEU C 171 28.63 33.66 -18.53
C LEU C 171 29.39 33.19 -19.77
N SER C 172 28.66 32.74 -20.78
CA SER C 172 29.25 32.23 -22.03
C SER C 172 30.16 33.27 -22.66
N ARG C 173 29.69 34.51 -22.68
CA ARG C 173 30.47 35.64 -23.20
C ARG C 173 31.74 35.89 -22.37
N ARG C 174 31.63 35.91 -21.04
CA ARG C 174 32.80 36.16 -20.18
C ARG C 174 33.84 35.06 -20.33
N MSE C 175 33.36 33.83 -20.46
CA MSE C 175 34.24 32.69 -20.66
C MSE C 175 34.52 32.72 -22.15
O MSE C 175 34.17 33.68 -22.82
CB MSE C 175 33.53 31.39 -20.24
CG MSE C 175 32.99 31.40 -18.80
SE MSE C 175 34.43 31.50 -17.45
CE MSE C 175 34.88 29.58 -17.38
N GLY C 176 35.12 31.68 -22.70
CA GLY C 176 35.41 31.74 -24.12
C GLY C 176 34.34 31.17 -25.06
N TRP C 177 33.15 30.87 -24.54
CA TRP C 177 32.32 29.84 -25.16
C TRP C 177 31.50 30.29 -26.39
N SER C 178 30.93 31.49 -26.30
CA SER C 178 30.05 32.06 -27.33
C SER C 178 30.18 33.58 -27.29
N ILE D 10 -4.82 -24.15 39.56
CA ILE D 10 -5.62 -24.12 40.81
C ILE D 10 -7.05 -24.66 40.60
N GLY D 11 -7.16 -25.99 40.63
CA GLY D 11 -8.43 -26.69 40.53
C GLY D 11 -8.76 -27.14 39.12
N GLU D 12 -9.47 -28.24 38.98
CA GLU D 12 -9.89 -28.68 37.64
C GLU D 12 -11.13 -27.92 37.23
N TYR D 13 -11.29 -27.73 35.92
CA TYR D 13 -12.46 -27.04 35.43
C TYR D 13 -13.71 -27.83 35.79
N LYS D 14 -14.76 -27.13 36.24
CA LYS D 14 -16.08 -27.72 36.49
C LYS D 14 -17.11 -27.38 35.39
N PRO D 15 -17.50 -28.35 34.56
CA PRO D 15 -18.54 -28.09 33.56
C PRO D 15 -19.86 -27.70 34.21
N ARG D 16 -20.58 -26.81 33.53
CA ARG D 16 -21.85 -26.26 33.99
C ARG D 16 -22.92 -26.42 32.92
N GLU D 17 -24.16 -26.62 33.37
CA GLU D 17 -25.32 -26.72 32.48
C GLU D 17 -25.63 -25.37 31.83
N SER D 18 -25.37 -24.30 32.54
CA SER D 18 -25.59 -22.99 31.96
C SER D 18 -24.49 -22.03 32.41
N ILE D 19 -24.10 -21.17 31.49
CA ILE D 19 -23.08 -20.16 31.75
C ILE D 19 -23.65 -18.83 31.35
N SER D 20 -23.52 -17.85 32.25
CA SER D 20 -24.09 -16.53 32.02
C SER D 20 -23.38 -15.82 30.87
N LYS D 21 -24.08 -14.87 30.24
CA LYS D 21 -23.44 -14.01 29.25
C LYS D 21 -22.28 -13.26 29.87
N GLU D 22 -22.46 -12.83 31.12
CA GLU D 22 -21.41 -12.10 31.80
C GLU D 22 -20.13 -12.93 31.98
N GLN D 23 -20.29 -14.21 32.30
CA GLN D 23 -19.16 -15.09 32.52
C GLN D 23 -18.49 -15.41 31.20
N LYS D 24 -19.28 -15.66 30.16
CA LYS D 24 -18.70 -15.88 28.85
C LYS D 24 -17.83 -14.70 28.45
N ASP D 25 -18.33 -13.49 28.64
CA ASP D 25 -17.57 -12.30 28.23
C ASP D 25 -16.28 -12.17 29.04
N LYS D 26 -16.32 -12.46 30.34
CA LYS D 26 -15.12 -12.45 31.14
C LYS D 26 -14.10 -13.45 30.62
N TRP D 27 -14.57 -14.65 30.27
CA TRP D 27 -13.66 -15.67 29.79
C TRP D 27 -13.09 -15.31 28.42
N ILE D 28 -13.89 -14.69 27.55
CA ILE D 28 -13.34 -14.27 26.25
C ILE D 28 -12.21 -13.27 26.47
N GLN D 29 -12.39 -12.37 27.43
CA GLN D 29 -11.34 -11.40 27.71
C GLN D 29 -10.10 -12.06 28.30
N VAL D 30 -10.28 -13.02 29.20
CA VAL D 30 -9.15 -13.73 29.76
C VAL D 30 -8.39 -14.45 28.64
N LEU D 31 -9.14 -15.12 27.77
CA LEU D 31 -8.52 -15.84 26.67
C LEU D 31 -7.75 -14.88 25.77
N GLU D 32 -8.28 -13.67 25.55
CA GLU D 32 -7.55 -12.69 24.74
C GLU D 32 -6.21 -12.29 25.36
N GLU D 33 -6.16 -12.26 26.70
CA GLU D 33 -4.96 -11.86 27.42
C GLU D 33 -3.92 -12.95 27.65
N VAL D 34 -4.25 -14.20 27.35
CA VAL D 34 -3.38 -15.34 27.65
C VAL D 34 -2.01 -15.19 27.00
N PRO D 35 -1.96 -14.87 25.71
CA PRO D 35 -0.65 -14.81 25.06
C PRO D 35 0.30 -13.78 25.65
N ALA D 36 -0.20 -12.60 26.01
CA ALA D 36 0.63 -11.59 26.69
C ALA D 36 1.13 -12.09 28.06
N LYS D 37 0.31 -12.85 28.79
CA LYS D 37 0.71 -13.38 30.09
C LYS D 37 1.78 -14.46 29.94
N LEU D 38 1.65 -15.29 28.92
CA LEU D 38 2.63 -16.32 28.65
C LEU D 38 3.95 -15.69 28.22
N LYS D 39 3.87 -14.64 27.39
CA LYS D 39 5.06 -13.95 26.92
C LYS D 39 5.78 -13.33 28.11
N GLN D 40 5.03 -12.67 29.00
CA GLN D 40 5.65 -12.07 30.19
C GLN D 40 6.36 -13.14 31.03
N ALA D 41 5.79 -14.33 31.12
CA ALA D 41 6.41 -15.44 31.89
C ALA D 41 7.69 -16.04 31.30
N VAL D 42 7.86 -16.00 29.98
CA VAL D 42 9.00 -16.68 29.38
C VAL D 42 9.99 -15.79 28.59
N GLU D 43 9.66 -14.54 28.29
CA GLU D 43 10.45 -13.84 27.27
C GLU D 43 11.88 -13.50 27.71
N VAL D 44 12.14 -13.43 29.01
CA VAL D 44 13.49 -13.12 29.49
C VAL D 44 14.34 -14.37 29.71
N MSE D 45 13.80 -15.54 29.40
CA MSE D 45 14.46 -16.80 29.77
C MSE D 45 15.56 -17.17 28.81
O MSE D 45 15.45 -16.98 27.60
CB MSE D 45 13.45 -17.95 29.84
CG MSE D 45 12.50 -17.83 31.01
SE MSE D 45 11.45 -19.46 31.17
CE MSE D 45 10.56 -19.03 32.82
N THR D 46 16.65 -17.68 29.38
CA THR D 46 17.74 -18.26 28.64
C THR D 46 17.34 -19.64 28.16
N ASP D 47 18.12 -20.19 27.23
CA ASP D 47 17.89 -21.57 26.80
C ASP D 47 17.97 -22.55 27.94
N SER D 48 18.90 -22.33 28.87
CA SER D 48 19.01 -23.20 30.03
C SER D 48 17.70 -23.26 30.82
N GLN D 49 17.09 -22.10 31.04
CA GLN D 49 15.83 -22.00 31.76
C GLN D 49 14.67 -22.62 30.95
N LEU D 50 14.64 -22.32 29.66
CA LEU D 50 13.58 -22.85 28.76
C LEU D 50 13.57 -24.38 28.70
N ASP D 51 14.75 -24.98 28.81
CA ASP D 51 14.88 -26.42 28.71
C ASP D 51 14.91 -27.11 30.06
N THR D 52 14.56 -26.37 31.12
CA THR D 52 14.33 -26.96 32.43
C THR D 52 12.89 -27.49 32.54
N PRO D 53 12.76 -28.74 32.96
CA PRO D 53 11.43 -29.33 33.22
C PRO D 53 10.73 -28.58 34.36
N TYR D 54 9.44 -28.29 34.21
CA TYR D 54 8.73 -27.56 35.27
C TYR D 54 8.56 -28.46 36.48
N ARG D 55 8.63 -29.77 36.25
CA ARG D 55 8.62 -30.79 37.29
C ARG D 55 9.46 -31.99 36.86
N ASP D 56 9.76 -32.88 37.78
CA ASP D 56 10.79 -33.90 37.58
C ASP D 56 10.66 -34.73 36.30
N GLY D 57 9.53 -35.41 36.10
CA GLY D 57 9.38 -36.24 34.91
C GLY D 57 8.77 -35.51 33.71
N GLY D 58 8.75 -34.19 33.80
CA GLY D 58 7.83 -33.40 33.00
C GLY D 58 8.42 -32.63 31.84
N TRP D 59 7.52 -31.94 31.14
CA TRP D 59 7.86 -31.15 30.00
C TRP D 59 8.65 -29.92 30.42
N THR D 60 9.48 -29.44 29.51
CA THR D 60 10.20 -28.19 29.72
C THR D 60 9.30 -27.00 29.47
N VAL D 61 9.71 -25.81 29.94
CA VAL D 61 8.99 -24.60 29.63
C VAL D 61 8.82 -24.41 28.12
N ARG D 62 9.87 -24.68 27.36
CA ARG D 62 9.79 -24.60 25.90
C ARG D 62 8.72 -25.53 25.33
N GLN D 63 8.70 -26.78 25.76
CA GLN D 63 7.68 -27.72 25.30
C GLN D 63 6.27 -27.20 25.66
N VAL D 64 6.13 -26.57 26.82
CA VAL D 64 4.80 -26.08 27.23
C VAL D 64 4.32 -24.95 26.32
N VAL D 65 5.22 -24.04 25.98
CA VAL D 65 4.89 -22.95 25.08
C VAL D 65 4.42 -23.51 23.72
N HIS D 66 5.17 -24.46 23.14
CA HIS D 66 4.77 -25.00 21.86
C HIS D 66 3.49 -25.81 21.94
N HIS D 67 3.29 -26.49 23.07
CA HIS D 67 2.06 -27.23 23.32
C HIS D 67 0.83 -26.32 23.37
N LEU D 68 0.95 -25.16 23.99
CA LEU D 68 -0.20 -24.25 24.06
C LEU D 68 -0.60 -23.85 22.66
N ALA D 69 0.37 -23.54 21.81
CA ALA D 69 0.05 -23.17 20.43
C ALA D 69 -0.65 -24.34 19.71
N ASP D 70 -0.12 -25.54 19.84
CA ASP D 70 -0.69 -26.72 19.20
C ASP D 70 -2.07 -27.07 19.73
N SER D 71 -2.20 -27.08 21.05
CA SER D 71 -3.47 -27.36 21.71
C SER D 71 -4.56 -26.39 21.27
N HIS D 72 -4.22 -25.10 21.30
CA HIS D 72 -5.19 -24.06 21.03
C HIS D 72 -5.55 -23.98 19.56
N MSE D 73 -4.61 -24.30 18.68
CA MSE D 73 -4.94 -24.40 17.25
C MSE D 73 -5.97 -25.54 17.04
O MSE D 73 -6.98 -25.38 16.33
CB MSE D 73 -3.70 -24.61 16.39
CB MSE D 73 -3.67 -24.66 16.40
CG MSE D 73 -4.05 -24.59 14.93
CG MSE D 73 -2.91 -23.44 15.98
SE MSE D 73 -2.48 -24.84 13.89
SE MSE D 73 -1.35 -23.86 14.81
CE MSE D 73 -1.91 -23.09 14.30
CE MSE D 73 -0.03 -24.23 16.04
N ASN D 74 -5.73 -26.68 17.69
CA ASN D 74 -6.68 -27.78 17.60
C ASN D 74 -8.02 -27.34 18.14
N SER D 75 -8.02 -26.58 19.22
CA SER D 75 -9.29 -26.15 19.82
C SER D 75 -10.09 -25.22 18.94
N TYR D 76 -9.42 -24.23 18.36
CA TYR D 76 -10.06 -23.34 17.40
C TYR D 76 -10.72 -24.12 16.27
N ILE D 77 -10.01 -25.11 15.73
CA ILE D 77 -10.57 -25.96 14.68
C ILE D 77 -11.80 -26.68 15.18
N ARG D 78 -11.74 -27.23 16.39
CA ARG D 78 -12.91 -27.90 16.99
C ARG D 78 -14.11 -26.97 17.14
N PHE D 79 -13.86 -25.70 17.49
CA PHE D 79 -14.95 -24.73 17.54
C PHE D 79 -15.61 -24.62 16.17
N LYS D 80 -14.81 -24.43 15.11
CA LYS D 80 -15.38 -24.26 13.76
C LYS D 80 -16.08 -25.53 13.23
N LEU D 81 -15.56 -26.71 13.58
CA LEU D 81 -16.25 -27.96 13.24
C LEU D 81 -17.61 -27.97 13.94
N SER D 82 -17.64 -27.59 15.21
CA SER D 82 -18.87 -27.62 15.99
C SER D 82 -19.94 -26.63 15.46
N LEU D 83 -19.48 -25.52 14.88
CA LEU D 83 -20.41 -24.51 14.39
C LEU D 83 -21.00 -24.86 13.04
N THR D 84 -20.34 -25.78 12.34
CA THR D 84 -20.70 -26.13 10.96
C THR D 84 -21.20 -27.57 10.72
N GLU D 85 -21.14 -28.39 11.77
CA GLU D 85 -21.57 -29.78 11.72
C GLU D 85 -22.45 -30.02 12.92
N GLU D 86 -23.30 -31.04 12.85
CA GLU D 86 -24.16 -31.36 13.98
C GLU D 86 -23.47 -32.28 14.97
N THR D 87 -22.99 -31.73 16.08
CA THR D 87 -22.30 -32.50 17.12
C THR D 87 -21.21 -33.42 16.58
N PRO D 88 -20.20 -32.82 15.98
CA PRO D 88 -19.13 -33.59 15.34
C PRO D 88 -18.29 -34.35 16.33
N ALA D 89 -17.80 -35.49 15.88
CA ALA D 89 -16.71 -36.16 16.55
C ALA D 89 -15.44 -35.43 16.15
N ILE D 90 -14.65 -35.02 17.14
CA ILE D 90 -13.42 -34.31 16.84
C ILE D 90 -12.29 -35.32 16.70
N ARG D 91 -11.13 -34.83 16.28
CA ARG D 91 -9.97 -35.65 16.00
C ARG D 91 -8.96 -35.46 17.12
N PRO D 92 -8.80 -36.45 18.00
CA PRO D 92 -7.79 -36.38 19.06
C PRO D 92 -6.40 -36.32 18.44
N TYR D 93 -5.42 -35.92 19.24
CA TYR D 93 -4.02 -36.00 18.83
C TYR D 93 -3.21 -36.50 20.01
N ASP D 94 -2.06 -37.08 19.70
CA ASP D 94 -1.13 -37.57 20.70
C ASP D 94 -0.21 -36.45 21.23
N GLU D 95 -0.66 -35.77 22.27
CA GLU D 95 0.01 -34.55 22.73
C GLU D 95 1.42 -34.84 23.21
N LYS D 96 1.64 -36.02 23.77
CA LYS D 96 2.98 -36.37 24.21
C LYS D 96 3.92 -36.53 23.02
N ALA D 97 3.44 -37.19 21.96
CA ALA D 97 4.26 -37.39 20.77
C ALA D 97 4.58 -36.07 20.07
N TRP D 98 3.59 -35.19 20.01
CA TRP D 98 3.82 -33.87 19.41
C TRP D 98 4.90 -33.12 20.20
N SER D 99 4.89 -33.22 21.53
CA SER D 99 5.86 -32.53 22.35
C SER D 99 7.25 -33.15 22.25
N GLU D 100 7.34 -34.37 21.75
CA GLU D 100 8.63 -35.03 21.60
C GLU D 100 9.28 -34.79 20.23
N LEU D 101 8.57 -34.15 19.31
CA LEU D 101 9.19 -33.81 18.04
C LEU D 101 10.37 -32.88 18.28
N LYS D 102 11.40 -33.02 17.46
CA LYS D 102 12.58 -32.21 17.63
C LYS D 102 12.25 -30.71 17.61
N ASP D 103 11.33 -30.31 16.76
CA ASP D 103 10.97 -28.91 16.68
C ASP D 103 10.40 -28.41 18.03
N SER D 104 9.62 -29.24 18.69
CA SER D 104 9.03 -28.88 19.98
C SER D 104 10.07 -28.73 21.08
N LYS D 105 11.16 -29.48 20.93
CA LYS D 105 12.18 -29.50 21.94
C LYS D 105 13.24 -28.46 21.73
N THR D 106 13.26 -27.83 20.56
CA THR D 106 14.34 -26.91 20.24
C THR D 106 13.93 -25.54 19.72
N ALA D 107 12.75 -25.40 19.11
CA ALA D 107 12.40 -24.11 18.53
C ALA D 107 12.36 -23.03 19.57
N ASP D 108 12.78 -21.84 19.18
CA ASP D 108 12.65 -20.69 20.07
C ASP D 108 11.17 -20.39 20.33
N PRO D 109 10.84 -19.98 21.55
CA PRO D 109 9.46 -19.63 21.87
C PRO D 109 8.85 -18.49 21.04
N SER D 110 9.67 -17.59 20.53
CA SER D 110 9.16 -16.37 19.89
C SER D 110 8.10 -16.65 18.84
N GLY D 111 8.35 -17.61 17.94
CA GLY D 111 7.37 -17.93 16.91
C GLY D 111 6.03 -18.44 17.41
N SER D 112 6.06 -19.34 18.40
CA SER D 112 4.85 -19.83 19.01
C SER D 112 4.12 -18.79 19.82
N LEU D 113 4.85 -17.92 20.50
CA LEU D 113 4.24 -16.81 21.22
C LEU D 113 3.50 -15.86 20.27
N ALA D 114 4.13 -15.53 19.15
CA ALA D 114 3.52 -14.68 18.11
C ALA D 114 2.31 -15.35 17.48
N LEU D 115 2.41 -16.65 17.24
CA LEU D 115 1.30 -17.41 16.69
C LEU D 115 0.14 -17.41 17.66
N LEU D 116 0.43 -17.69 18.94
CA LEU D 116 -0.62 -17.73 19.96
C LEU D 116 -1.34 -16.37 20.05
N GLN D 117 -0.59 -15.29 19.96
CA GLN D 117 -1.20 -13.95 19.98
C GLN D 117 -2.22 -13.80 18.86
N GLU D 118 -1.83 -14.16 17.64
CA GLU D 118 -2.72 -13.99 16.50
C GLU D 118 -3.86 -15.01 16.51
N LEU D 119 -3.58 -16.21 16.98
CA LEU D 119 -4.58 -17.26 17.07
C LEU D 119 -5.64 -16.88 18.07
N HIS D 120 -5.23 -16.44 19.26
CA HIS D 120 -6.21 -16.01 20.23
C HIS D 120 -6.99 -14.78 19.74
N GLY D 121 -6.37 -13.93 18.94
CA GLY D 121 -7.05 -12.80 18.31
C GLY D 121 -8.21 -13.24 17.44
N ARG D 122 -7.94 -14.21 16.55
CA ARG D 122 -9.01 -14.73 15.68
C ARG D 122 -10.02 -15.56 16.45
N TRP D 123 -9.55 -16.30 17.43
CA TRP D 123 -10.45 -17.14 18.24
C TRP D 123 -11.44 -16.26 19.01
N THR D 124 -10.95 -15.23 19.69
CA THR D 124 -11.85 -14.38 20.46
C THR D 124 -12.75 -13.62 19.52
N ALA D 125 -12.27 -13.24 18.33
CA ALA D 125 -13.14 -12.61 17.34
C ALA D 125 -14.32 -13.53 17.01
N LEU D 126 -14.01 -14.78 16.70
CA LEU D 126 -15.02 -15.79 16.44
C LEU D 126 -15.99 -15.86 17.63
N LEU D 127 -15.46 -15.92 18.85
CA LEU D 127 -16.32 -16.08 20.04
C LEU D 127 -17.30 -14.93 20.20
N ARG D 128 -16.86 -13.72 19.85
CA ARG D 128 -17.69 -12.53 20.02
C ARG D 128 -18.82 -12.47 19.00
N THR D 129 -18.73 -13.26 17.93
CA THR D 129 -19.83 -13.33 16.98
C THR D 129 -20.91 -14.33 17.37
N LEU D 130 -20.62 -15.21 18.32
CA LEU D 130 -21.56 -16.31 18.59
C LEU D 130 -22.79 -15.89 19.37
N THR D 131 -23.92 -16.45 18.97
CA THR D 131 -25.16 -16.33 19.72
C THR D 131 -25.13 -17.27 20.91
N ASP D 132 -26.03 -17.06 21.86
CA ASP D 132 -26.19 -17.99 22.96
C ASP D 132 -26.44 -19.41 22.47
N GLN D 133 -27.20 -19.57 21.39
CA GLN D 133 -27.54 -20.92 20.92
C GLN D 133 -26.31 -21.59 20.30
N GLN D 134 -25.48 -20.80 19.63
CA GLN D 134 -24.22 -21.33 19.09
C GLN D 134 -23.29 -21.82 20.20
N PHE D 135 -23.31 -21.12 21.33
CA PHE D 135 -22.50 -21.54 22.48
C PHE D 135 -23.01 -22.81 23.12
N LYS D 136 -24.24 -23.19 22.82
CA LYS D 136 -24.81 -24.43 23.35
C LYS D 136 -24.57 -25.60 22.41
N ARG D 137 -24.06 -25.33 21.20
CA ARG D 137 -23.62 -26.40 20.31
C ARG D 137 -22.44 -27.10 20.94
N GLY D 138 -22.26 -28.36 20.57
CA GLY D 138 -21.21 -29.17 21.17
C GLY D 138 -20.45 -30.02 20.19
N PHE D 139 -19.43 -30.69 20.73
CA PHE D 139 -18.70 -31.70 19.97
C PHE D 139 -18.48 -32.88 20.88
N TYR D 140 -18.16 -34.01 20.24
CA TYR D 140 -18.01 -35.26 20.91
C TYR D 140 -16.55 -35.63 20.90
N HIS D 141 -16.02 -35.89 22.08
CA HIS D 141 -14.66 -36.33 22.21
C HIS D 141 -14.67 -37.84 22.36
N PRO D 142 -14.22 -38.52 21.31
CA PRO D 142 -14.32 -39.98 21.25
C PRO D 142 -13.48 -40.73 22.29
N ASP D 143 -12.63 -40.02 23.04
CA ASP D 143 -11.87 -40.65 24.13
C ASP D 143 -12.60 -40.61 25.50
N THR D 144 -13.24 -39.48 25.80
CA THR D 144 -13.92 -39.30 27.09
C THR D 144 -15.41 -39.62 26.97
N LYS D 145 -15.87 -39.71 25.72
CA LYS D 145 -17.26 -40.04 25.31
C LYS D 145 -18.31 -38.97 25.64
N GLU D 146 -17.86 -37.77 25.88
CA GLU D 146 -18.69 -36.72 26.41
C GLU D 146 -19.02 -35.73 25.33
N ILE D 147 -20.25 -35.23 25.31
CA ILE D 147 -20.58 -34.06 24.49
C ILE D 147 -20.24 -32.82 25.31
N ILE D 148 -19.32 -32.03 24.79
CA ILE D 148 -18.86 -30.81 25.44
C ILE D 148 -19.45 -29.61 24.68
N THR D 149 -20.16 -28.72 25.36
CA THR D 149 -20.70 -27.52 24.69
C THR D 149 -19.55 -26.54 24.52
N LEU D 150 -19.72 -25.61 23.60
CA LEU D 150 -18.69 -24.62 23.28
C LEU D 150 -18.48 -23.67 24.45
N GLU D 151 -19.55 -23.36 25.18
CA GLU D 151 -19.38 -22.50 26.35
C GLU D 151 -18.57 -23.20 27.44
N ASN D 152 -18.77 -24.50 27.63
CA ASN D 152 -17.89 -25.22 28.56
C ASN D 152 -16.46 -25.37 28.03
N ALA D 153 -16.29 -25.53 26.72
CA ALA D 153 -14.96 -25.64 26.13
C ALA D 153 -14.17 -24.35 26.34
N LEU D 154 -14.87 -23.22 26.22
CA LEU D 154 -14.27 -21.92 26.51
C LEU D 154 -13.72 -21.93 27.94
N GLY D 155 -14.52 -22.32 28.92
CA GLY D 155 -14.08 -22.48 30.30
C GLY D 155 -12.88 -23.40 30.45
N LEU D 156 -12.93 -24.53 29.74
CA LEU D 156 -11.86 -25.50 29.82
C LEU D 156 -10.56 -24.92 29.31
N TYR D 157 -10.62 -24.13 28.24
CA TYR D 157 -9.37 -23.63 27.65
C TYR D 157 -8.81 -22.43 28.41
N VAL D 158 -9.69 -21.69 29.09
CA VAL D 158 -9.24 -20.70 30.06
C VAL D 158 -8.48 -21.42 31.18
N TRP D 159 -9.05 -22.50 31.73
CA TRP D 159 -8.35 -23.27 32.77
C TRP D 159 -7.02 -23.80 32.24
N HIS D 160 -7.03 -24.33 31.02
CA HIS D 160 -5.84 -24.92 30.39
C HIS D 160 -4.69 -23.91 30.35
N SER D 161 -5.02 -22.72 29.86
CA SER D 161 -4.07 -21.62 29.79
C SER D 161 -3.51 -21.28 31.16
N HIS D 162 -4.38 -21.13 32.14
CA HIS D 162 -3.93 -20.68 33.45
C HIS D 162 -3.09 -21.75 34.12
N HIS D 163 -3.50 -23.01 33.93
CA HIS D 163 -2.82 -24.16 34.54
C HIS D 163 -1.36 -24.20 34.03
N HIS D 164 -1.17 -24.09 32.72
CA HIS D 164 0.21 -24.13 32.12
C HIS D 164 1.03 -22.89 32.45
N ILE D 165 0.41 -21.72 32.46
CA ILE D 165 1.15 -20.52 32.80
C ILE D 165 1.61 -20.58 34.27
N ALA D 166 0.73 -21.06 35.15
CA ALA D 166 1.08 -21.24 36.57
C ALA D 166 2.27 -22.18 36.79
N HIS D 167 2.32 -23.25 36.01
CA HIS D 167 3.44 -24.20 36.09
C HIS D 167 4.74 -23.46 35.76
N ILE D 168 4.70 -22.57 34.79
CA ILE D 168 5.89 -21.81 34.40
C ILE D 168 6.32 -20.79 35.47
N THR D 169 5.36 -20.02 35.98
CA THR D 169 5.67 -18.96 36.94
C THR D 169 6.06 -19.58 38.29
N GLU D 170 5.51 -20.75 38.61
CA GLU D 170 5.88 -21.43 39.85
C GLU D 170 7.32 -21.92 39.76
N LEU D 171 7.72 -22.39 38.58
CA LEU D 171 9.11 -22.85 38.37
C LEU D 171 10.09 -21.71 38.58
N SER D 172 9.80 -20.57 37.97
CA SER D 172 10.65 -19.38 38.11
C SER D 172 10.73 -18.93 39.56
N ARG D 173 9.62 -19.01 40.25
CA ARG D 173 9.59 -18.59 41.65
C ARG D 173 10.47 -19.49 42.49
N ARG D 174 10.33 -20.80 42.32
CA ARG D 174 11.09 -21.77 43.12
C ARG D 174 12.58 -21.69 42.85
N MSE D 175 12.92 -21.39 41.60
CA MSE D 175 14.30 -21.34 41.18
C MSE D 175 14.92 -19.98 41.43
O MSE D 175 16.13 -19.83 41.32
CB MSE D 175 14.40 -21.65 39.68
CG MSE D 175 13.96 -23.03 39.29
SE MSE D 175 15.02 -24.37 40.21
CE MSE D 175 13.71 -25.06 41.32
N GLY D 176 14.11 -18.98 41.75
CA GLY D 176 14.58 -17.63 41.93
C GLY D 176 15.05 -16.95 40.65
N TRP D 177 14.38 -17.23 39.54
CA TRP D 177 14.75 -16.61 38.27
C TRP D 177 14.07 -15.25 38.18
N SER D 178 14.62 -14.36 37.35
CA SER D 178 14.05 -13.02 37.17
C SER D 178 14.65 -12.37 35.92
NI NI E . -8.80 -23.53 -1.05
NI NI F . -8.93 14.51 -9.92
NI NI G . 14.93 33.33 -10.14
NI NI H . -1.83 -29.04 28.36
N GLU I . -5.86 -33.69 26.93
CA GLU I . -5.11 -33.12 28.09
C GLU I . -5.68 -31.79 28.56
O GLU I . -5.75 -31.53 29.75
CB GLU I . -3.64 -32.91 27.74
CG GLU I . -2.83 -32.39 28.89
CD GLU I . -2.07 -31.11 28.58
OE1 GLU I . -2.61 -30.17 27.92
OE2 GLU I . -0.91 -31.00 29.04
N SER J . -6.08 -30.94 27.64
CA SER J . -6.80 -29.76 28.04
C SER J . -8.15 -30.15 28.58
O SER J . -8.68 -29.50 29.48
CB SER J . -7.01 -28.81 26.87
OG SER J . -8.16 -28.03 27.13
N ALA K . -8.72 -31.23 28.03
CA ALA K . -10.10 -31.62 28.33
C ALA K . -10.21 -32.50 29.56
O ALA K . -11.26 -32.57 30.19
CB ALA K . -10.71 -32.34 27.12
N THR L . -9.11 -33.16 29.90
CA THR L . -9.12 -34.23 30.89
C THR L . -7.96 -34.05 31.87
O THR L . -6.82 -33.87 31.46
CB THR L . -9.00 -35.59 30.17
OG1 THR L . -9.71 -35.53 28.92
CG2 THR L . -9.71 -36.69 30.94
N SER M . -8.25 -34.13 33.17
CA SER M . -7.22 -34.24 34.19
C SER M . -6.89 -35.72 34.33
O SER M . -7.69 -36.50 34.82
CB SER M . -7.72 -33.70 35.54
OG SER M . -7.98 -32.32 35.49
N GLY N . -5.71 -36.13 33.88
CA GLY N . -5.40 -37.55 33.89
C GLY N . -3.93 -37.90 33.84
O GLY N . -3.06 -37.02 33.95
#